data_5U84
#
_entry.id   5U84
#
_cell.length_a   118.815
_cell.length_b   109.267
_cell.length_c   79.541
_cell.angle_alpha   90.00
_cell.angle_beta   102.97
_cell.angle_gamma   90.00
#
_symmetry.space_group_name_H-M   'C 1 2 1'
#
loop_
_entity.id
_entity.type
_entity.pdbx_description
1 polymer 'Acid ceramidase'
2 branched 2-acetamido-2-deoxy-beta-D-glucopyranose-(1-4)-[alpha-L-fucopyranose-(1-6)]2-acetamido-2-deoxy-beta-D-glucopyranose
3 branched 2-acetamido-2-deoxy-beta-D-glucopyranose-(1-4)-2-acetamido-2-deoxy-beta-D-glucopyranose
4 non-polymer '5-amino-2,4,6-triiodobenzene-1,3-dicarboxylic acid'
5 non-polymer 'IODIDE ION'
6 water water
#
_entity_poly.entity_id   1
_entity_poly.type   'polypeptide(L)'
_entity_poly.pdbx_seq_one_letter_code
;DRHHHHHHKLQHVPPWTEDCRKSTYPPSGPTYRGPVPWYTINLDLPPYKRWHELMVDKAPALKVIVNYLKNMINAFEPSG
KIVQLVDQKLPGLLGSFPGPFEEEMKGIAAVTEIPLGEIILFNIFYEFFTIATSIITEDKEGHLLHARNMDFGVFLGWNV
NNNTWVVTEELKPLTVNLDFQRNSKTVFKAAGFAGYVGMLTGFKPGLFSLTLNERFSTNGGFMGVIEWILGKKDAKWIGF
IIRSVLENSTSYEEAKTILTKSKILAPAYFILGGSKSGEGCVITRDRVQSLDIYELDPKQGIWYVVQTNYDRWKNPFFLD
NRRTPAKMCLNRTTQENISFATMYDVLSTKPVLNKLTVYTALIDVTKGQFETYLRDCPDPCIGW
;
_entity_poly.pdbx_strand_id   A,B
#
loop_
_chem_comp.id
_chem_comp.type
_chem_comp.name
_chem_comp.formula
FUC L-saccharide, alpha linking alpha-L-fucopyranose 'C6 H12 O5'
I3C non-polymer '5-amino-2,4,6-triiodobenzene-1,3-dicarboxylic acid' 'C8 H4 I3 N O4'
IOD non-polymer 'IODIDE ION' 'I -1'
NAG D-saccharide, beta linking 2-acetamido-2-deoxy-beta-D-glucopyranose 'C8 H15 N O6'
#
# COMPACT_ATOMS: atom_id res chain seq x y z
N ASP A 19 10.09 -19.99 -6.18
CA ASP A 19 10.92 -20.16 -7.37
C ASP A 19 10.11 -19.88 -8.63
N CYS A 20 10.85 -19.54 -9.68
CA CYS A 20 10.29 -19.07 -10.94
C CYS A 20 9.44 -20.13 -11.63
N ARG A 21 8.42 -19.67 -12.34
CA ARG A 21 7.52 -20.55 -13.08
C ARG A 21 8.19 -21.02 -14.37
N LYS A 22 7.69 -22.14 -14.88
CA LYS A 22 8.18 -22.72 -16.12
C LYS A 22 7.01 -23.37 -16.86
N SER A 23 7.18 -23.53 -18.17
CA SER A 23 6.19 -24.19 -19.01
C SER A 23 4.85 -23.48 -18.93
N THR A 24 4.87 -22.15 -19.08
CA THR A 24 3.66 -21.35 -19.06
C THR A 24 3.27 -20.83 -20.43
N TYR A 25 4.05 -21.13 -21.46
CA TYR A 25 3.79 -20.61 -22.80
C TYR A 25 3.65 -21.76 -23.81
N PRO A 26 2.69 -21.67 -24.73
CA PRO A 26 1.67 -20.62 -24.90
C PRO A 26 0.67 -20.55 -23.74
N PRO A 27 0.04 -19.40 -23.54
CA PRO A 27 -0.80 -19.21 -22.34
C PRO A 27 -1.92 -20.24 -22.24
N SER A 28 -2.13 -20.72 -21.02
CA SER A 28 -3.23 -21.62 -20.71
C SER A 28 -3.37 -21.69 -19.21
N GLY A 29 -4.55 -22.09 -18.75
CA GLY A 29 -4.77 -22.36 -17.35
C GLY A 29 -5.40 -21.22 -16.59
N PRO A 30 -5.39 -21.32 -15.26
CA PRO A 30 -6.13 -20.34 -14.45
C PRO A 30 -5.55 -18.94 -14.44
N THR A 31 -4.26 -18.76 -14.74
CA THR A 31 -3.70 -17.42 -14.81
C THR A 31 -3.98 -16.74 -16.15
N TYR A 32 -4.64 -17.42 -17.08
CA TYR A 32 -4.87 -16.91 -18.43
C TYR A 32 -6.35 -16.58 -18.56
N ARG A 33 -6.67 -15.28 -18.55
CA ARG A 33 -8.05 -14.83 -18.67
C ARG A 33 -8.52 -14.81 -20.11
N GLY A 34 -7.60 -14.80 -21.07
CA GLY A 34 -7.96 -14.79 -22.48
C GLY A 34 -7.11 -13.82 -23.29
N PRO A 35 -7.28 -13.84 -24.60
CA PRO A 35 -6.54 -12.91 -25.45
C PRO A 35 -7.25 -11.57 -25.56
N VAL A 36 -6.48 -10.55 -25.93
CA VAL A 36 -7.00 -9.19 -26.02
C VAL A 36 -7.50 -8.94 -27.44
N PRO A 37 -8.73 -8.47 -27.62
CA PRO A 37 -9.24 -8.27 -28.98
C PRO A 37 -8.50 -7.15 -29.69
N TRP A 38 -8.53 -7.23 -31.02
CA TRP A 38 -7.86 -6.27 -31.88
C TRP A 38 -8.89 -5.37 -32.56
N TYR A 39 -8.60 -4.07 -32.58
CA TYR A 39 -9.38 -3.11 -33.35
C TYR A 39 -8.43 -2.22 -34.14
N THR A 40 -8.89 -1.80 -35.31
CA THR A 40 -8.13 -0.90 -36.17
C THR A 40 -8.65 0.51 -35.99
N ILE A 41 -7.73 1.45 -35.75
CA ILE A 41 -8.06 2.87 -35.68
C ILE A 41 -7.55 3.50 -36.97
N ASN A 42 -8.46 4.02 -37.78
CA ASN A 42 -8.13 4.58 -39.08
C ASN A 42 -7.91 6.08 -38.92
N LEU A 43 -6.65 6.51 -39.01
CA LEU A 43 -6.34 7.92 -38.84
C LEU A 43 -6.86 8.77 -39.99
N ASP A 44 -7.17 8.15 -41.14
CA ASP A 44 -7.77 8.91 -42.24
C ASP A 44 -9.17 9.39 -41.88
N LEU A 45 -9.86 8.70 -40.98
CA LEU A 45 -11.16 9.15 -40.56
C LEU A 45 -11.04 10.48 -39.80
N PRO A 46 -12.10 11.27 -39.77
CA PRO A 46 -12.08 12.47 -38.94
C PRO A 46 -11.96 12.10 -37.48
N PRO A 47 -11.18 12.86 -36.70
CA PRO A 47 -10.93 12.45 -35.30
C PRO A 47 -12.20 12.10 -34.53
N TYR A 48 -13.29 12.83 -34.77
CA TYR A 48 -14.53 12.58 -34.05
C TYR A 48 -15.00 11.14 -34.18
N LYS A 49 -14.70 10.47 -35.30
CA LYS A 49 -15.25 9.16 -35.61
C LYS A 49 -14.32 8.00 -35.29
N ARG A 50 -13.08 8.26 -34.88
CA ARG A 50 -12.08 7.19 -34.89
C ARG A 50 -12.39 6.10 -33.87
N TRP A 51 -12.92 6.49 -32.71
CA TRP A 51 -13.16 5.54 -31.62
C TRP A 51 -14.58 5.02 -31.57
N HIS A 52 -15.40 5.30 -32.58
CA HIS A 52 -16.82 4.94 -32.50
C HIS A 52 -17.01 3.44 -32.33
N GLU A 53 -16.54 2.65 -33.30
CA GLU A 53 -16.74 1.21 -33.24
C GLU A 53 -16.24 0.64 -31.92
N LEU A 54 -15.12 1.17 -31.42
CA LEU A 54 -14.49 0.60 -30.25
C LEU A 54 -15.34 0.80 -29.00
N MET A 55 -15.94 1.99 -28.86
CA MET A 55 -16.69 2.35 -27.67
C MET A 55 -18.07 1.71 -27.58
N VAL A 56 -18.51 0.97 -28.60
CA VAL A 56 -19.84 0.36 -28.55
C VAL A 56 -19.96 -0.48 -27.30
N ASP A 57 -21.07 -0.29 -26.57
CA ASP A 57 -21.45 -1.15 -25.45
C ASP A 57 -20.48 -1.10 -24.28
N LYS A 58 -19.62 -0.09 -24.21
CA LYS A 58 -18.62 -0.01 -23.15
C LYS A 58 -18.86 1.13 -22.17
N ALA A 59 -19.90 1.94 -22.35
CA ALA A 59 -20.16 3.03 -21.43
C ALA A 59 -20.36 2.56 -19.99
N PRO A 60 -21.12 1.49 -19.71
CA PRO A 60 -21.32 1.10 -18.30
C PRO A 60 -20.02 0.81 -17.57
N ALA A 61 -19.14 0.01 -18.18
CA ALA A 61 -17.85 -0.28 -17.55
C ALA A 61 -17.03 0.98 -17.38
N LEU A 62 -16.98 1.82 -18.42
CA LEU A 62 -16.17 3.03 -18.35
C LEU A 62 -16.66 3.96 -17.25
N LYS A 63 -17.98 4.04 -17.04
CA LYS A 63 -18.51 4.82 -15.93
C LYS A 63 -18.01 4.32 -14.59
N VAL A 64 -17.89 3.00 -14.44
CA VAL A 64 -17.37 2.45 -13.19
C VAL A 64 -15.94 2.90 -12.96
N ILE A 65 -15.12 2.86 -14.02
CA ILE A 65 -13.72 3.26 -13.89
C ILE A 65 -13.63 4.74 -13.53
N VAL A 66 -14.39 5.58 -14.23
CA VAL A 66 -14.32 7.02 -13.99
C VAL A 66 -14.73 7.34 -12.56
N ASN A 67 -15.85 6.76 -12.12
CA ASN A 67 -16.30 6.98 -10.74
CA ASN A 67 -16.30 6.98 -10.74
C ASN A 67 -15.23 6.56 -9.74
N TYR A 68 -14.51 5.48 -10.04
CA TYR A 68 -13.44 5.03 -9.14
C TYR A 68 -12.33 6.08 -9.06
N LEU A 69 -11.89 6.60 -10.20
CA LEU A 69 -10.86 7.63 -10.19
C LEU A 69 -11.31 8.82 -9.35
N LYS A 70 -12.56 9.27 -9.53
CA LYS A 70 -13.06 10.40 -8.77
C LYS A 70 -12.93 10.16 -7.27
N ASN A 71 -13.48 9.04 -6.80
CA ASN A 71 -13.54 8.78 -5.36
C ASN A 71 -12.14 8.65 -4.77
N MET A 72 -11.21 8.03 -5.51
CA MET A 72 -9.85 7.91 -5.01
C MET A 72 -9.18 9.28 -4.93
N ILE A 73 -9.41 10.13 -5.92
CA ILE A 73 -8.82 11.48 -5.90
C ILE A 73 -9.45 12.30 -4.79
N ASN A 74 -10.78 12.24 -4.66
CA ASN A 74 -11.45 12.97 -3.59
C ASN A 74 -10.99 12.48 -2.22
N ALA A 75 -10.86 11.16 -2.06
CA ALA A 75 -10.39 10.61 -0.79
C ALA A 75 -8.96 11.04 -0.50
N PHE A 76 -8.13 11.14 -1.54
CA PHE A 76 -6.74 11.56 -1.35
C PHE A 76 -6.64 13.04 -1.00
N GLU A 77 -7.60 13.85 -1.45
CA GLU A 77 -7.64 15.29 -1.17
C GLU A 77 -9.06 15.64 -0.76
N PRO A 78 -9.42 15.41 0.50
CA PRO A 78 -10.82 15.60 0.91
C PRO A 78 -11.31 17.04 0.81
N SER A 79 -10.41 18.01 0.70
CA SER A 79 -10.84 19.41 0.74
C SER A 79 -11.77 19.75 -0.43
N GLY A 80 -11.46 19.21 -1.63
CA GLY A 80 -12.18 19.58 -2.81
C GLY A 80 -12.65 18.37 -3.59
N LYS A 81 -13.60 18.64 -4.49
CA LYS A 81 -14.14 17.63 -5.40
C LYS A 81 -13.44 17.78 -6.75
N ILE A 82 -12.93 16.67 -7.29
CA ILE A 82 -12.03 16.74 -8.43
C ILE A 82 -12.78 17.22 -9.67
N VAL A 83 -13.90 16.58 -10.00
CA VAL A 83 -14.58 16.93 -11.23
C VAL A 83 -15.03 18.37 -11.20
N GLN A 84 -15.42 18.88 -10.02
CA GLN A 84 -15.70 20.31 -9.90
C GLN A 84 -14.57 21.13 -10.49
N LEU A 85 -13.32 20.79 -10.15
CA LEU A 85 -12.22 21.61 -10.58
C LEU A 85 -11.92 21.37 -12.07
N VAL A 86 -11.84 20.11 -12.49
CA VAL A 86 -11.65 19.83 -13.91
C VAL A 86 -12.78 20.47 -14.71
N ASP A 87 -14.02 20.22 -14.31
CA ASP A 87 -15.17 20.76 -15.01
C ASP A 87 -15.11 22.28 -15.07
N GLN A 88 -14.85 22.92 -13.94
CA GLN A 88 -14.81 24.38 -13.89
C GLN A 88 -13.59 24.93 -14.64
N LYS A 89 -12.52 24.14 -14.71
CA LYS A 89 -11.32 24.47 -15.47
C LYS A 89 -11.29 23.78 -16.83
N LEU A 90 -12.38 23.11 -17.20
CA LEU A 90 -12.41 22.33 -18.44
C LEU A 90 -12.17 23.16 -19.69
N PRO A 91 -12.97 24.21 -19.98
CA PRO A 91 -12.79 24.95 -21.24
C PRO A 91 -11.34 25.24 -21.57
N GLY A 92 -10.58 25.72 -20.59
CA GLY A 92 -9.16 25.97 -20.83
C GLY A 92 -8.41 24.71 -21.23
N LEU A 93 -8.76 23.57 -20.61
CA LEU A 93 -8.08 22.33 -20.93
C LEU A 93 -8.25 21.95 -22.40
N LEU A 94 -9.45 22.14 -22.94
CA LEU A 94 -9.71 21.75 -24.33
C LEU A 94 -8.76 22.44 -25.28
N GLY A 95 -8.65 23.76 -25.17
CA GLY A 95 -7.70 24.48 -26.02
C GLY A 95 -6.27 24.04 -25.80
N SER A 96 -5.94 23.62 -24.58
CA SER A 96 -4.58 23.14 -24.31
C SER A 96 -4.26 21.90 -25.14
N PHE A 97 -5.25 21.06 -25.40
CA PHE A 97 -5.01 19.83 -26.14
C PHE A 97 -4.74 20.16 -27.62
N PRO A 98 -3.86 19.43 -28.28
CA PRO A 98 -3.81 19.50 -29.74
C PRO A 98 -5.16 19.14 -30.35
N GLY A 99 -5.38 19.64 -31.56
CA GLY A 99 -6.66 19.54 -32.23
C GLY A 99 -7.31 18.17 -32.21
N PRO A 100 -6.58 17.13 -32.64
CA PRO A 100 -7.23 15.81 -32.80
C PRO A 100 -7.76 15.24 -31.50
N PHE A 101 -7.00 15.37 -30.41
CA PHE A 101 -7.37 14.72 -29.16
C PHE A 101 -8.71 15.24 -28.63
N GLU A 102 -8.93 16.55 -28.71
CA GLU A 102 -10.20 17.10 -28.27
C GLU A 102 -11.37 16.46 -29.02
N GLU A 103 -11.29 16.40 -30.35
CA GLU A 103 -12.39 15.85 -31.13
C GLU A 103 -12.52 14.35 -30.91
N GLU A 104 -11.40 13.64 -30.74
CA GLU A 104 -11.48 12.22 -30.43
C GLU A 104 -12.22 11.98 -29.12
N MET A 105 -11.97 12.84 -28.12
CA MET A 105 -12.62 12.66 -26.83
C MET A 105 -14.10 13.03 -26.89
N LYS A 106 -14.44 14.08 -27.64
CA LYS A 106 -15.85 14.42 -27.82
C LYS A 106 -16.60 13.28 -28.49
N GLY A 107 -15.96 12.62 -29.48
CA GLY A 107 -16.59 11.46 -30.08
C GLY A 107 -16.82 10.33 -29.08
N ILE A 108 -15.86 10.11 -28.19
CA ILE A 108 -16.02 9.10 -27.15
C ILE A 108 -17.17 9.47 -26.23
N ALA A 109 -17.22 10.74 -25.80
CA ALA A 109 -18.28 11.18 -24.92
C ALA A 109 -19.64 10.99 -25.57
N ALA A 110 -19.73 11.22 -26.88
CA ALA A 110 -21.02 11.08 -27.57
C ALA A 110 -21.47 9.62 -27.60
N VAL A 111 -20.58 8.71 -28.01
CA VAL A 111 -20.95 7.30 -28.11
C VAL A 111 -21.33 6.75 -26.74
N THR A 112 -20.58 7.10 -25.71
CA THR A 112 -20.80 6.57 -24.38
C THR A 112 -21.85 7.33 -23.59
N GLU A 113 -22.24 8.52 -24.04
CA GLU A 113 -23.19 9.36 -23.31
C GLU A 113 -22.62 9.76 -21.95
N ILE A 114 -21.29 9.87 -21.87
CA ILE A 114 -20.61 10.29 -20.66
C ILE A 114 -20.21 11.76 -20.80
N PRO A 115 -20.33 12.58 -19.75
CA PRO A 115 -19.93 13.98 -19.89
C PRO A 115 -18.49 14.11 -20.35
N LEU A 116 -18.24 15.12 -21.18
CA LEU A 116 -16.90 15.32 -21.72
C LEU A 116 -15.88 15.49 -20.61
N GLY A 117 -16.25 16.23 -19.55
CA GLY A 117 -15.32 16.43 -18.45
C GLY A 117 -14.83 15.14 -17.83
N GLU A 118 -15.70 14.13 -17.76
CA GLU A 118 -15.31 12.87 -17.17
C GLU A 118 -14.40 12.07 -18.09
N ILE A 119 -14.65 12.12 -19.40
CA ILE A 119 -13.71 11.51 -20.35
C ILE A 119 -12.35 12.15 -20.21
N ILE A 120 -12.30 13.48 -20.08
CA ILE A 120 -11.04 14.19 -19.95
C ILE A 120 -10.36 13.86 -18.62
N LEU A 121 -11.12 13.82 -17.53
CA LEU A 121 -10.55 13.42 -16.26
C LEU A 121 -9.92 12.04 -16.38
N PHE A 122 -10.64 11.11 -17.01
CA PHE A 122 -10.12 9.76 -17.21
C PHE A 122 -8.84 9.77 -18.01
N ASN A 123 -8.77 10.60 -19.05
CA ASN A 123 -7.59 10.60 -19.90
C ASN A 123 -6.40 11.28 -19.24
N ILE A 124 -6.65 12.23 -18.33
CA ILE A 124 -5.55 12.93 -17.67
C ILE A 124 -4.96 12.09 -16.55
N PHE A 125 -5.80 11.43 -15.75
CA PHE A 125 -5.36 10.82 -14.50
C PHE A 125 -5.18 9.31 -14.59
N TYR A 126 -5.44 8.71 -15.74
CA TYR A 126 -5.36 7.24 -15.84
C TYR A 126 -3.98 6.73 -15.43
N GLU A 127 -2.92 7.45 -15.80
CA GLU A 127 -1.57 6.98 -15.58
C GLU A 127 -1.29 6.77 -14.09
N PHE A 128 -1.82 7.65 -13.24
CA PHE A 128 -1.52 7.60 -11.82
C PHE A 128 -2.12 6.38 -11.14
N PHE A 129 -2.93 5.58 -11.84
CA PHE A 129 -3.54 4.38 -11.29
C PHE A 129 -2.92 3.11 -11.85
N THR A 130 -1.69 3.18 -12.36
CA THR A 130 -1.03 2.04 -12.97
C THR A 130 0.34 1.85 -12.35
N ILE A 131 0.66 0.60 -12.04
CA ILE A 131 2.03 0.17 -11.78
C ILE A 131 2.33 -0.93 -12.79
N ALA A 132 3.62 -1.14 -13.05
CA ALA A 132 3.97 -2.06 -14.12
C ALA A 132 5.39 -2.57 -13.92
N THR A 133 5.64 -3.74 -14.51
CA THR A 133 6.98 -4.30 -14.63
C THR A 133 7.32 -4.32 -16.11
N SER A 134 8.28 -3.49 -16.53
CA SER A 134 8.70 -3.41 -17.91
C SER A 134 10.10 -3.98 -18.03
N ILE A 135 10.33 -4.80 -19.06
CA ILE A 135 11.58 -5.52 -19.24
C ILE A 135 12.01 -5.44 -20.70
N ILE A 136 13.28 -5.12 -20.92
CA ILE A 136 13.92 -5.27 -22.22
C ILE A 136 15.10 -6.22 -22.06
N THR A 137 15.29 -7.10 -23.04
CA THR A 137 16.36 -8.08 -23.01
C THR A 137 16.94 -8.20 -24.41
N GLU A 138 18.18 -8.66 -24.46
CA GLU A 138 18.87 -8.90 -25.72
C GLU A 138 19.43 -10.32 -25.69
N ASP A 139 19.05 -11.13 -26.68
CA ASP A 139 19.58 -12.46 -26.84
C ASP A 139 20.99 -12.43 -27.42
N LYS A 140 21.63 -13.60 -27.47
CA LYS A 140 22.94 -13.71 -28.09
C LYS A 140 22.89 -13.26 -29.55
N GLU A 141 21.81 -13.61 -30.25
CA GLU A 141 21.62 -13.14 -31.62
C GLU A 141 21.59 -11.62 -31.71
N GLY A 142 21.40 -10.92 -30.60
CA GLY A 142 21.48 -9.48 -30.59
C GLY A 142 20.15 -8.80 -30.81
N HIS A 143 19.05 -9.52 -30.73
CA HIS A 143 17.73 -8.99 -31.04
C HIS A 143 16.93 -8.79 -29.76
N LEU A 144 16.19 -7.69 -29.71
CA LEU A 144 15.55 -7.25 -28.47
C LEU A 144 14.15 -7.81 -28.32
N LEU A 145 13.80 -8.14 -27.08
CA LEU A 145 12.44 -8.45 -26.68
C LEU A 145 12.00 -7.41 -25.66
N HIS A 146 10.76 -6.96 -25.78
CA HIS A 146 10.20 -5.97 -24.88
C HIS A 146 8.90 -6.53 -24.31
N ALA A 147 8.82 -6.62 -22.99
CA ALA A 147 7.69 -7.25 -22.32
C ALA A 147 7.25 -6.38 -21.15
N ARG A 148 6.02 -6.61 -20.70
CA ARG A 148 5.43 -5.72 -19.71
C ARG A 148 4.25 -6.41 -19.04
N ASN A 149 4.21 -6.33 -17.72
CA ASN A 149 3.02 -6.66 -16.93
C ASN A 149 2.44 -5.36 -16.40
N MET A 150 1.16 -5.14 -16.67
CA MET A 150 0.48 -3.91 -16.26
C MET A 150 -0.58 -4.24 -15.21
N ASP A 151 -0.55 -3.51 -14.11
CA ASP A 151 -1.57 -3.57 -13.07
C ASP A 151 -2.40 -2.29 -13.11
N PHE A 152 -3.62 -2.38 -12.61
CA PHE A 152 -4.48 -1.21 -12.47
C PHE A 152 -5.10 -1.17 -11.09
N GLY A 153 -5.39 0.04 -10.62
CA GLY A 153 -6.15 0.28 -9.41
C GLY A 153 -5.32 0.88 -8.29
N VAL A 154 -4.02 0.60 -8.26
CA VAL A 154 -3.14 1.16 -7.24
C VAL A 154 -2.87 2.62 -7.58
N PHE A 155 -3.22 3.52 -6.66
CA PHE A 155 -3.10 4.95 -6.87
C PHE A 155 -1.80 5.45 -6.27
N LEU A 156 -0.98 6.11 -7.10
CA LEU A 156 0.29 6.66 -6.67
C LEU A 156 1.19 5.59 -6.05
N GLY A 157 1.00 4.34 -6.48
CA GLY A 157 1.92 3.27 -6.13
C GLY A 157 1.68 2.57 -4.81
N TRP A 158 0.65 2.97 -4.05
CA TRP A 158 0.45 2.35 -2.74
C TRP A 158 -1.01 2.31 -2.31
N ASN A 159 -1.84 3.21 -2.82
CA ASN A 159 -3.18 3.41 -2.28
C ASN A 159 -4.23 2.62 -3.07
N VAL A 160 -5.12 1.95 -2.34
CA VAL A 160 -6.27 1.25 -2.89
C VAL A 160 -7.42 1.42 -1.92
N ASN A 161 -8.62 1.01 -2.34
CA ASN A 161 -9.80 1.03 -1.47
C ASN A 161 -10.54 -0.30 -1.63
N ASN A 162 -11.66 -0.45 -0.91
CA ASN A 162 -12.33 -1.75 -0.89
C ASN A 162 -13.00 -2.10 -2.22
N ASN A 163 -12.96 -1.21 -3.21
CA ASN A 163 -13.53 -1.47 -4.52
C ASN A 163 -12.48 -1.69 -5.60
N THR A 164 -11.19 -1.63 -5.25
CA THR A 164 -10.14 -1.71 -6.26
C THR A 164 -10.22 -2.99 -7.09
N TRP A 165 -10.50 -4.12 -6.43
CA TRP A 165 -10.47 -5.40 -7.15
C TRP A 165 -11.69 -5.55 -8.04
N VAL A 166 -12.85 -5.07 -7.59
CA VAL A 166 -14.03 -5.08 -8.44
C VAL A 166 -13.81 -4.22 -9.67
N VAL A 167 -13.22 -3.03 -9.48
CA VAL A 167 -13.00 -2.12 -10.59
C VAL A 167 -12.01 -2.72 -11.59
N THR A 168 -10.91 -3.30 -11.10
CA THR A 168 -9.90 -3.83 -12.00
C THR A 168 -10.47 -4.94 -12.87
N GLU A 169 -11.31 -5.80 -12.31
CA GLU A 169 -11.95 -6.83 -13.11
C GLU A 169 -12.87 -6.22 -14.16
N GLU A 170 -13.52 -5.09 -13.83
CA GLU A 170 -14.36 -4.41 -14.80
C GLU A 170 -13.53 -3.81 -15.93
N LEU A 171 -12.26 -3.49 -15.66
CA LEU A 171 -11.41 -2.87 -16.67
C LEU A 171 -10.91 -3.87 -17.71
N LYS A 172 -10.78 -5.15 -17.35
CA LYS A 172 -10.17 -6.11 -18.26
C LYS A 172 -10.90 -6.21 -19.60
N PRO A 173 -12.24 -6.24 -19.67
CA PRO A 173 -12.90 -6.22 -20.98
C PRO A 173 -12.62 -4.96 -21.79
N LEU A 174 -12.11 -3.90 -21.18
CA LEU A 174 -11.77 -2.69 -21.91
C LEU A 174 -10.38 -2.73 -22.51
N THR A 175 -9.55 -3.71 -22.13
CA THR A 175 -8.23 -3.85 -22.70
C THR A 175 -8.36 -4.23 -24.18
N VAL A 176 -7.57 -3.57 -25.03
CA VAL A 176 -7.65 -3.79 -26.47
C VAL A 176 -6.27 -3.60 -27.07
N ASN A 177 -5.97 -4.38 -28.10
CA ASN A 177 -4.83 -4.12 -28.97
C ASN A 177 -5.30 -3.26 -30.14
N LEU A 178 -4.59 -2.15 -30.37
CA LEU A 178 -4.99 -1.17 -31.37
C LEU A 178 -3.98 -1.16 -32.51
N ASP A 179 -4.48 -1.20 -33.74
CA ASP A 179 -3.67 -1.08 -34.94
C ASP A 179 -3.98 0.27 -35.56
N PHE A 180 -3.10 1.23 -35.37
CA PHE A 180 -3.29 2.57 -35.93
C PHE A 180 -2.81 2.56 -37.38
N GLN A 181 -3.72 2.93 -38.28
CA GLN A 181 -3.49 2.79 -39.71
C GLN A 181 -3.74 4.12 -40.41
N ARG A 182 -3.07 4.30 -41.53
CA ARG A 182 -3.35 5.38 -42.46
C ARG A 182 -3.89 4.68 -43.71
N ASN A 183 -5.21 4.76 -43.90
CA ASN A 183 -5.94 3.86 -44.79
C ASN A 183 -5.57 2.42 -44.47
N SER A 184 -4.77 1.77 -45.32
CA SER A 184 -4.45 0.36 -45.16
C SER A 184 -2.99 0.13 -44.77
N LYS A 185 -2.27 1.15 -44.35
CA LYS A 185 -0.89 0.98 -43.91
C LYS A 185 -0.81 1.16 -42.40
N THR A 186 -0.16 0.22 -41.73
CA THR A 186 -0.01 0.28 -40.29
C THR A 186 1.01 1.35 -39.94
N VAL A 187 0.63 2.30 -39.10
CA VAL A 187 1.56 3.30 -38.60
C VAL A 187 2.22 2.82 -37.31
N PHE A 188 1.41 2.41 -36.32
CA PHE A 188 1.94 1.83 -35.11
C PHE A 188 0.86 0.99 -34.46
N LYS A 189 1.30 0.11 -33.56
CA LYS A 189 0.42 -0.74 -32.79
C LYS A 189 0.56 -0.40 -31.31
N ALA A 190 -0.48 -0.68 -30.54
CA ALA A 190 -0.49 -0.28 -29.15
C ALA A 190 -1.42 -1.18 -28.34
N ALA A 191 -1.12 -1.31 -27.06
CA ALA A 191 -2.02 -1.89 -26.08
C ALA A 191 -2.66 -0.74 -25.31
N GLY A 192 -3.98 -0.67 -25.33
CA GLY A 192 -4.67 0.45 -24.73
C GLY A 192 -5.98 0.06 -24.07
N PHE A 193 -6.80 1.07 -23.77
CA PHE A 193 -8.06 0.85 -23.08
C PHE A 193 -9.11 1.74 -23.70
N ALA A 194 -10.27 1.16 -24.04
CA ALA A 194 -11.33 1.92 -24.68
C ALA A 194 -11.69 3.13 -23.83
N GLY A 195 -11.78 4.28 -24.50
CA GLY A 195 -12.01 5.54 -23.83
C GLY A 195 -10.75 6.32 -23.52
N TYR A 196 -9.59 5.66 -23.57
CA TYR A 196 -8.30 6.31 -23.34
C TYR A 196 -7.64 6.52 -24.70
N VAL A 197 -7.53 7.79 -25.12
CA VAL A 197 -6.96 8.09 -26.43
C VAL A 197 -5.45 8.10 -26.41
N GLY A 198 -4.84 8.11 -25.24
CA GLY A 198 -3.41 7.92 -25.11
C GLY A 198 -3.05 6.45 -25.01
N MET A 199 -1.77 6.19 -24.83
CA MET A 199 -1.28 4.83 -24.69
C MET A 199 -0.01 4.84 -23.85
N LEU A 200 0.20 3.73 -23.14
CA LEU A 200 1.40 3.53 -22.34
C LEU A 200 2.25 2.39 -22.88
N THR A 201 1.80 1.74 -23.95
CA THR A 201 2.50 0.61 -24.55
C THR A 201 2.24 0.62 -26.04
N GLY A 202 3.31 0.62 -26.83
CA GLY A 202 3.15 0.57 -28.27
C GLY A 202 4.48 0.32 -28.93
N PHE A 203 4.43 0.15 -30.25
CA PHE A 203 5.65 0.00 -31.02
C PHE A 203 5.37 0.29 -32.49
N LYS A 204 6.43 0.71 -33.19
CA LYS A 204 6.42 0.89 -34.63
C LYS A 204 7.19 -0.25 -35.27
N PRO A 205 6.56 -1.06 -36.11
CA PRO A 205 7.26 -2.21 -36.68
C PRO A 205 8.60 -1.83 -37.28
N GLY A 206 9.64 -2.56 -36.88
CA GLY A 206 10.97 -2.38 -37.42
C GLY A 206 11.73 -1.18 -36.90
N LEU A 207 11.11 -0.32 -36.09
CA LEU A 207 11.78 0.89 -35.58
C LEU A 207 12.02 0.78 -34.08
N PHE A 208 10.99 0.84 -33.26
CA PHE A 208 11.20 0.84 -31.82
C PHE A 208 9.94 0.41 -31.09
N SER A 209 10.13 0.04 -29.82
CA SER A 209 9.06 -0.27 -28.89
C SER A 209 9.15 0.68 -27.72
N LEU A 210 8.02 0.92 -27.06
CA LEU A 210 7.97 1.94 -26.03
C LEU A 210 6.93 1.58 -24.98
N THR A 211 7.31 1.61 -23.71
CA THR A 211 6.40 1.46 -22.60
C THR A 211 6.67 2.55 -21.57
N LEU A 212 5.63 2.94 -20.85
CA LEU A 212 5.70 3.99 -19.84
C LEU A 212 5.35 3.42 -18.48
N ASN A 213 6.20 3.66 -17.50
CA ASN A 213 5.94 3.32 -16.11
C ASN A 213 5.79 4.61 -15.31
N GLU A 214 4.81 4.63 -14.42
CA GLU A 214 4.60 5.82 -13.60
C GLU A 214 5.71 5.95 -12.57
N ARG A 215 6.13 7.18 -12.32
CA ARG A 215 7.17 7.49 -11.34
C ARG A 215 6.56 8.40 -10.29
N PHE A 216 6.82 8.10 -9.02
CA PHE A 216 6.20 8.81 -7.90
C PHE A 216 7.30 9.48 -7.09
N SER A 217 7.35 10.81 -7.15
CA SER A 217 8.34 11.59 -6.42
C SER A 217 7.70 12.82 -5.78
N GLY A 221 4.70 16.22 -9.11
CA GLY A 221 4.10 14.97 -9.56
C GLY A 221 2.60 15.07 -9.79
N PHE A 222 1.82 14.44 -8.90
CA PHE A 222 0.38 14.49 -9.01
C PHE A 222 -0.15 15.90 -8.76
N MET A 223 0.43 16.62 -7.80
CA MET A 223 0.02 17.99 -7.57
C MET A 223 0.29 18.85 -8.80
N GLY A 224 1.39 18.57 -9.50
CA GLY A 224 1.70 19.35 -10.69
C GLY A 224 0.57 19.34 -11.70
N VAL A 225 0.07 18.15 -12.04
CA VAL A 225 -1.12 18.06 -12.89
C VAL A 225 -2.24 18.91 -12.30
N ILE A 226 -2.55 18.69 -11.02
CA ILE A 226 -3.59 19.48 -10.35
C ILE A 226 -3.28 20.96 -10.51
N GLU A 227 -2.07 21.37 -10.13
CA GLU A 227 -1.65 22.75 -10.32
C GLU A 227 -1.82 23.16 -11.79
N TRP A 228 -1.41 22.30 -12.71
CA TRP A 228 -1.53 22.61 -14.12
C TRP A 228 -2.98 22.74 -14.58
N ILE A 229 -3.87 21.90 -14.05
CA ILE A 229 -5.27 21.96 -14.46
C ILE A 229 -5.77 23.39 -14.26
N ILE A 241 2.17 12.17 -25.24
CA ILE A 241 3.51 12.26 -25.80
C ILE A 241 3.84 10.90 -26.43
N ILE A 242 3.51 9.82 -25.71
CA ILE A 242 3.75 8.49 -26.23
C ILE A 242 3.04 8.33 -27.57
N ARG A 243 1.82 8.84 -27.66
CA ARG A 243 1.05 8.76 -28.90
C ARG A 243 1.74 9.53 -30.01
N SER A 244 2.22 10.75 -29.73
CA SER A 244 2.85 11.56 -30.76
C SER A 244 4.14 10.90 -31.26
N VAL A 245 4.93 10.35 -30.35
CA VAL A 245 6.16 9.66 -30.75
C VAL A 245 5.82 8.45 -31.62
N LEU A 246 4.89 7.61 -31.15
CA LEU A 246 4.51 6.44 -31.93
C LEU A 246 3.94 6.83 -33.28
N GLU A 247 3.18 7.92 -33.34
CA GLU A 247 2.49 8.29 -34.58
C GLU A 247 3.44 8.89 -35.60
N ASN A 248 4.37 9.75 -35.17
CA ASN A 248 5.16 10.55 -36.10
C ASN A 248 6.68 10.41 -36.02
N SER A 249 7.21 9.66 -35.06
CA SER A 249 8.66 9.52 -35.00
C SER A 249 9.10 8.46 -36.01
N THR A 250 10.13 8.80 -36.78
CA THR A 250 10.55 7.96 -37.90
C THR A 250 11.77 7.11 -37.57
N SER A 251 12.26 7.14 -36.33
CA SER A 251 13.46 6.37 -35.99
C SER A 251 13.60 6.31 -34.48
N TYR A 252 14.35 5.29 -34.03
CA TYR A 252 14.67 5.16 -32.62
C TYR A 252 15.38 6.40 -32.10
N GLU A 253 16.31 6.94 -32.89
CA GLU A 253 17.04 8.12 -32.46
C GLU A 253 16.10 9.29 -32.18
N GLU A 254 15.20 9.57 -33.13
CA GLU A 254 14.31 10.71 -32.97
C GLU A 254 13.43 10.53 -31.73
N ALA A 255 12.86 9.34 -31.54
CA ALA A 255 12.03 9.10 -30.37
C ALA A 255 12.83 9.33 -29.09
N LYS A 256 14.11 8.94 -29.10
CA LYS A 256 14.93 9.10 -27.90
C LYS A 256 15.13 10.58 -27.56
N THR A 257 15.47 11.40 -28.55
CA THR A 257 15.70 12.81 -28.26
C THR A 257 14.43 13.48 -27.77
N ILE A 258 13.28 13.07 -28.32
CA ILE A 258 12.01 13.64 -27.88
C ILE A 258 11.70 13.23 -26.44
N LEU A 259 11.92 11.96 -26.12
CA LEU A 259 11.58 11.46 -24.80
C LEU A 259 12.53 11.97 -23.73
N THR A 260 13.76 12.31 -24.11
CA THR A 260 14.74 12.80 -23.12
C THR A 260 14.57 14.29 -22.85
N LYS A 261 14.29 15.09 -23.88
CA LYS A 261 14.29 16.55 -23.74
C LYS A 261 12.91 17.16 -23.55
N SER A 262 11.87 16.57 -24.12
CA SER A 262 10.56 17.22 -24.11
C SER A 262 10.02 17.33 -22.68
N LYS A 263 9.29 18.41 -22.43
CA LYS A 263 8.62 18.60 -21.16
C LYS A 263 7.42 17.66 -21.06
N ILE A 264 7.17 17.14 -19.85
CA ILE A 264 6.08 16.22 -19.62
C ILE A 264 5.35 16.64 -18.34
N LEU A 265 4.11 16.18 -18.22
CA LEU A 265 3.24 16.65 -17.15
C LEU A 265 3.66 16.11 -15.79
N ALA A 266 4.15 14.87 -15.74
CA ALA A 266 4.55 14.25 -14.49
C ALA A 266 5.78 13.39 -14.72
N PRO A 267 6.56 13.13 -13.68
CA PRO A 267 7.71 12.23 -13.85
C PRO A 267 7.27 10.85 -14.32
N ALA A 268 8.18 10.17 -15.01
CA ALA A 268 7.88 8.87 -15.59
C ALA A 268 9.18 8.15 -15.87
N TYR A 269 9.06 6.84 -16.13
CA TYR A 269 10.13 6.05 -16.71
C TYR A 269 9.73 5.66 -18.12
N PHE A 270 10.58 5.96 -19.09
CA PHE A 270 10.38 5.54 -20.47
C PHE A 270 11.30 4.37 -20.76
N ILE A 271 10.71 3.24 -21.17
CA ILE A 271 11.47 2.08 -21.57
C ILE A 271 11.39 2.01 -23.09
N LEU A 272 12.52 2.21 -23.75
CA LEU A 272 12.57 2.33 -25.21
C LEU A 272 13.46 1.23 -25.76
N GLY A 273 12.88 0.36 -26.59
CA GLY A 273 13.61 -0.70 -27.26
C GLY A 273 13.69 -0.43 -28.76
N GLY A 274 14.83 -0.77 -29.35
CA GLY A 274 15.05 -0.59 -30.77
C GLY A 274 15.13 -1.89 -31.53
N SER A 275 15.40 -1.75 -32.83
CA SER A 275 15.57 -2.88 -33.72
C SER A 275 17.04 -3.32 -33.80
N LYS A 276 17.94 -2.35 -33.94
CA LYS A 276 19.37 -2.65 -34.07
C LYS A 276 19.89 -3.24 -32.77
N SER A 277 20.89 -4.11 -32.87
CA SER A 277 21.49 -4.69 -31.68
C SER A 277 22.04 -3.61 -30.76
N GLY A 278 21.66 -3.67 -29.50
CA GLY A 278 22.13 -2.72 -28.50
C GLY A 278 21.35 -1.43 -28.42
N GLU A 279 20.19 -1.33 -29.07
CA GLU A 279 19.34 -0.14 -29.00
C GLU A 279 18.25 -0.37 -27.95
N GLY A 280 18.64 -0.25 -26.69
CA GLY A 280 17.69 -0.36 -25.60
C GLY A 280 18.10 0.48 -24.40
N CYS A 281 17.23 1.38 -23.97
CA CYS A 281 17.56 2.29 -22.87
C CYS A 281 16.35 2.53 -21.99
N VAL A 282 16.61 2.86 -20.73
CA VAL A 282 15.59 3.26 -19.77
C VAL A 282 15.86 4.72 -19.40
N ILE A 283 14.85 5.57 -19.58
CA ILE A 283 14.97 7.00 -19.33
C ILE A 283 14.15 7.31 -18.08
N THR A 284 14.82 7.75 -17.02
CA THR A 284 14.15 8.23 -15.81
C THR A 284 13.99 9.74 -15.91
N ARG A 285 12.76 10.21 -15.83
CA ARG A 285 12.42 11.59 -16.14
C ARG A 285 11.78 12.29 -14.94
N ASP A 286 12.02 13.58 -14.86
CA ASP A 286 11.13 14.46 -14.11
C ASP A 286 10.44 15.36 -15.13
N ARG A 287 9.75 16.38 -14.63
CA ARG A 287 8.97 17.23 -15.52
C ARG A 287 9.83 17.80 -16.65
N VAL A 288 11.07 18.18 -16.36
CA VAL A 288 11.84 19.01 -17.27
C VAL A 288 13.07 18.31 -17.83
N GLN A 289 13.64 17.31 -17.16
CA GLN A 289 14.92 16.77 -17.60
C GLN A 289 14.99 15.28 -17.31
N SER A 290 16.00 14.65 -17.90
CA SER A 290 16.24 13.21 -17.73
C SER A 290 17.26 13.03 -16.60
N LEU A 291 16.80 12.46 -15.49
CA LEU A 291 17.69 12.24 -14.36
C LEU A 291 18.65 11.08 -14.60
N ASP A 292 18.29 10.15 -15.48
CA ASP A 292 19.18 9.05 -15.80
C ASP A 292 18.75 8.45 -17.13
N ILE A 293 19.73 8.04 -17.93
CA ILE A 293 19.50 7.35 -19.20
C ILE A 293 20.44 6.16 -19.18
N TYR A 294 19.89 4.96 -19.09
CA TYR A 294 20.66 3.73 -18.90
C TYR A 294 20.46 2.81 -20.08
N GLU A 295 21.57 2.36 -20.67
CA GLU A 295 21.53 1.56 -21.90
C GLU A 295 21.91 0.11 -21.61
N LEU A 296 21.37 -0.79 -22.41
CA LEU A 296 21.85 -2.16 -22.43
C LEU A 296 23.30 -2.21 -22.89
N ASP A 297 24.05 -3.17 -22.34
CA ASP A 297 25.44 -3.41 -22.76
C ASP A 297 25.72 -4.89 -22.60
N PRO A 298 25.20 -5.70 -23.53
CA PRO A 298 25.40 -7.15 -23.39
C PRO A 298 26.85 -7.57 -23.41
N LYS A 299 27.72 -6.84 -24.12
CA LYS A 299 29.14 -7.15 -24.11
C LYS A 299 29.71 -7.12 -22.69
N GLN A 300 29.23 -6.19 -21.86
CA GLN A 300 29.72 -6.07 -20.49
C GLN A 300 28.78 -6.73 -19.49
N GLY A 301 27.94 -7.66 -19.95
CA GLY A 301 27.17 -8.52 -19.07
C GLY A 301 25.80 -8.00 -18.70
N ILE A 302 25.37 -6.87 -19.23
CA ILE A 302 24.04 -6.32 -18.95
C ILE A 302 23.18 -6.68 -20.14
N TRP A 303 22.55 -7.85 -20.09
CA TRP A 303 21.72 -8.31 -21.20
C TRP A 303 20.23 -8.08 -20.96
N TYR A 304 19.85 -7.44 -19.85
CA TYR A 304 18.46 -7.11 -19.63
C TYR A 304 18.36 -5.89 -18.73
N VAL A 305 17.17 -5.30 -18.72
CA VAL A 305 16.84 -4.22 -17.79
C VAL A 305 15.42 -4.45 -17.32
N VAL A 306 15.21 -4.35 -16.01
CA VAL A 306 13.90 -4.46 -15.38
C VAL A 306 13.59 -3.13 -14.73
N GLN A 307 12.49 -2.49 -15.16
CA GLN A 307 12.06 -1.23 -14.59
C GLN A 307 10.66 -1.40 -14.03
N THR A 308 10.50 -1.13 -12.74
CA THR A 308 9.21 -1.12 -12.07
C THR A 308 8.80 0.33 -11.85
N ASN A 309 8.49 0.77 -10.62
CA ASN A 309 8.06 2.13 -10.37
C ASN A 309 8.94 2.83 -9.33
N TYR A 310 10.19 2.40 -9.18
CA TYR A 310 11.15 3.08 -8.32
C TYR A 310 12.46 3.24 -9.07
N ASP A 311 13.23 4.25 -8.65
CA ASP A 311 14.50 4.53 -9.31
C ASP A 311 15.48 3.39 -9.08
N ARG A 312 16.05 2.87 -10.18
CA ARG A 312 16.78 1.62 -10.14
C ARG A 312 18.04 1.71 -9.29
N TRP A 313 18.68 2.88 -9.22
CA TRP A 313 19.88 3.01 -8.39
C TRP A 313 19.56 2.97 -6.90
N LYS A 314 18.35 3.38 -6.52
CA LYS A 314 17.96 3.34 -5.11
C LYS A 314 17.69 1.90 -4.67
N ASN A 315 17.67 1.71 -3.36
CA ASN A 315 17.29 0.42 -2.80
C ASN A 315 15.77 0.31 -2.72
N PRO A 316 15.20 -0.86 -2.97
CA PRO A 316 13.74 -0.97 -2.94
C PRO A 316 13.22 -1.02 -1.51
N PHE A 317 12.05 -0.41 -1.33
CA PHE A 317 11.34 -0.46 -0.06
C PHE A 317 10.57 -1.77 0.05
N PHE A 318 9.91 -1.97 1.20
CA PHE A 318 9.12 -3.18 1.39
C PHE A 318 8.02 -3.29 0.35
N LEU A 319 7.51 -2.15 -0.12
CA LEU A 319 6.42 -2.13 -1.09
C LEU A 319 6.89 -2.43 -2.51
N ASP A 320 8.18 -2.24 -2.80
CA ASP A 320 8.76 -2.54 -4.11
C ASP A 320 9.21 -4.01 -4.14
N ASN A 321 8.26 -4.91 -4.41
CA ASN A 321 8.50 -6.34 -4.26
C ASN A 321 8.48 -7.09 -5.59
N ARG A 322 8.54 -6.39 -6.72
CA ARG A 322 8.41 -7.00 -8.04
C ARG A 322 9.69 -7.07 -8.84
N ARG A 323 10.59 -6.08 -8.71
CA ARG A 323 11.77 -6.04 -9.56
C ARG A 323 12.77 -7.14 -9.19
N THR A 324 12.98 -7.39 -7.91
CA THR A 324 13.98 -8.38 -7.51
C THR A 324 13.63 -9.78 -8.00
N PRO A 325 12.42 -10.30 -7.79
CA PRO A 325 12.12 -11.64 -8.31
C PRO A 325 12.17 -11.72 -9.83
N ALA A 326 11.83 -10.64 -10.53
CA ALA A 326 11.99 -10.62 -11.98
C ALA A 326 13.45 -10.77 -12.35
N LYS A 327 14.33 -9.99 -11.71
CA LYS A 327 15.77 -10.12 -11.97
C LYS A 327 16.26 -11.51 -11.58
N MET A 328 15.77 -12.03 -10.46
CA MET A 328 16.16 -13.37 -10.03
C MET A 328 15.79 -14.41 -11.08
N CYS A 329 14.57 -14.30 -11.63
CA CYS A 329 14.10 -15.29 -12.60
C CYS A 329 14.76 -15.11 -13.96
N LEU A 330 15.07 -13.88 -14.34
CA LEU A 330 15.83 -13.67 -15.57
C LEU A 330 17.23 -14.24 -15.45
N ASN A 331 17.88 -14.02 -14.31
CA ASN A 331 19.22 -14.56 -14.09
C ASN A 331 19.24 -16.09 -14.24
N ARG A 332 18.23 -16.74 -13.68
CA ARG A 332 18.14 -18.20 -13.80
C ARG A 332 17.83 -18.64 -15.21
N THR A 333 17.12 -17.81 -15.99
CA THR A 333 16.84 -18.15 -17.38
C THR A 333 18.11 -18.12 -18.21
N THR A 334 18.97 -17.11 -18.00
CA THR A 334 20.21 -16.90 -18.73
C THR A 334 19.91 -16.31 -20.10
N GLN A 335 20.82 -15.48 -20.60
CA GLN A 335 20.65 -14.87 -21.91
C GLN A 335 20.50 -15.91 -23.01
N GLU A 336 21.15 -17.07 -22.82
CA GLU A 336 21.10 -18.12 -23.83
C GLU A 336 19.67 -18.59 -24.09
N ASN A 337 18.81 -18.57 -23.07
CA ASN A 337 17.47 -19.15 -23.16
C ASN A 337 16.36 -18.11 -23.20
N ILE A 338 16.68 -16.82 -23.26
CA ILE A 338 15.64 -15.80 -23.22
C ILE A 338 14.81 -15.87 -24.50
N SER A 339 13.49 -15.79 -24.35
CA SER A 339 12.56 -15.91 -25.47
C SER A 339 11.20 -15.43 -24.99
N PHE A 340 10.21 -15.51 -25.90
CA PHE A 340 8.84 -15.22 -25.52
C PHE A 340 8.37 -16.15 -24.42
N ALA A 341 8.72 -17.43 -24.51
CA ALA A 341 8.24 -18.41 -23.54
C ALA A 341 8.87 -18.18 -22.17
N THR A 342 10.20 -18.03 -22.13
CA THR A 342 10.86 -17.81 -20.85
C THR A 342 10.53 -16.44 -20.28
N MET A 343 10.34 -15.43 -21.14
CA MET A 343 9.87 -14.14 -20.67
C MET A 343 8.49 -14.26 -20.04
N TYR A 344 7.58 -14.97 -20.72
CA TYR A 344 6.26 -15.19 -20.15
C TYR A 344 6.35 -15.95 -18.83
N ASP A 345 7.33 -16.84 -18.71
CA ASP A 345 7.54 -17.54 -17.44
C ASP A 345 7.85 -16.56 -16.32
N VAL A 346 8.73 -15.60 -16.59
CA VAL A 346 9.09 -14.60 -15.58
C VAL A 346 7.84 -13.80 -15.18
N LEU A 347 7.09 -13.32 -16.17
CA LEU A 347 5.93 -12.49 -15.90
C LEU A 347 4.74 -13.29 -15.40
N SER A 348 4.85 -14.60 -15.27
CA SER A 348 3.84 -15.43 -14.66
C SER A 348 4.19 -15.84 -13.23
N THR A 349 5.31 -15.34 -12.72
CA THR A 349 5.79 -15.70 -11.39
C THR A 349 5.37 -14.62 -10.40
N LYS A 350 4.72 -15.04 -9.32
CA LYS A 350 4.34 -14.11 -8.25
C LYS A 350 5.60 -13.64 -7.54
N PRO A 351 5.64 -12.36 -7.14
CA PRO A 351 4.60 -11.33 -7.25
C PRO A 351 4.64 -10.51 -8.54
N VAL A 352 5.53 -10.84 -9.48
CA VAL A 352 5.51 -10.17 -10.78
C VAL A 352 4.13 -10.29 -11.40
N LEU A 353 3.56 -11.49 -11.34
CA LEU A 353 2.12 -11.68 -11.55
C LEU A 353 1.44 -11.52 -10.20
N ASN A 354 0.35 -10.76 -10.18
CA ASN A 354 -0.36 -10.50 -8.93
C ASN A 354 -1.82 -10.23 -9.24
N LYS A 355 -2.61 -10.03 -8.19
CA LYS A 355 -4.07 -10.00 -8.33
C LYS A 355 -4.54 -8.86 -9.21
N LEU A 356 -3.88 -7.71 -9.16
CA LEU A 356 -4.30 -6.55 -9.93
C LEU A 356 -3.66 -6.49 -11.32
N THR A 357 -2.97 -7.55 -11.73
CA THR A 357 -2.38 -7.59 -13.06
C THR A 357 -3.47 -7.71 -14.11
N VAL A 358 -3.51 -6.75 -15.04
CA VAL A 358 -4.53 -6.76 -16.09
C VAL A 358 -4.09 -7.59 -17.27
N TYR A 359 -2.89 -7.34 -17.80
CA TYR A 359 -2.45 -8.03 -19.01
C TYR A 359 -0.93 -8.21 -18.98
N THR A 360 -0.48 -9.15 -19.83
CA THR A 360 0.93 -9.36 -20.12
C THR A 360 1.14 -9.10 -21.60
N ALA A 361 2.15 -8.32 -21.94
CA ALA A 361 2.46 -7.98 -23.32
C ALA A 361 3.86 -8.44 -23.69
N LEU A 362 4.00 -8.99 -24.89
CA LEU A 362 5.29 -9.43 -25.42
C LEU A 362 5.48 -8.80 -26.79
N ILE A 363 6.65 -8.22 -27.02
CA ILE A 363 6.93 -7.47 -28.24
C ILE A 363 8.28 -7.91 -28.80
N ASP A 364 8.32 -8.15 -30.11
CA ASP A 364 9.57 -8.33 -30.84
C ASP A 364 9.57 -7.35 -32.01
N VAL A 365 10.29 -6.24 -31.85
CA VAL A 365 10.23 -5.15 -32.82
C VAL A 365 10.69 -5.63 -34.19
N THR A 366 11.81 -6.34 -34.25
CA THR A 366 12.39 -6.70 -35.54
C THR A 366 11.45 -7.57 -36.35
N LYS A 367 10.86 -8.58 -35.72
CA LYS A 367 9.95 -9.48 -36.43
C LYS A 367 8.51 -8.98 -36.46
N GLY A 368 8.20 -7.89 -35.76
CA GLY A 368 6.85 -7.36 -35.80
C GLY A 368 5.86 -8.13 -34.96
N GLN A 369 6.31 -8.80 -33.90
CA GLN A 369 5.41 -9.58 -33.06
C GLN A 369 4.91 -8.74 -31.90
N PHE A 370 3.62 -8.88 -31.61
CA PHE A 370 2.95 -8.07 -30.58
C PHE A 370 1.83 -8.94 -30.01
N GLU A 371 2.05 -9.49 -28.82
CA GLU A 371 1.10 -10.38 -28.17
C GLU A 371 0.68 -9.78 -26.84
N THR A 372 -0.62 -9.81 -26.56
CA THR A 372 -1.15 -9.28 -25.31
C THR A 372 -2.18 -10.25 -24.76
N TYR A 373 -2.07 -10.55 -23.46
CA TYR A 373 -2.88 -11.57 -22.81
C TYR A 373 -3.45 -11.04 -21.51
N LEU A 374 -4.74 -11.23 -21.31
CA LEU A 374 -5.36 -10.92 -20.02
C LEU A 374 -4.99 -11.99 -19.01
N ARG A 375 -4.82 -11.57 -17.75
CA ARG A 375 -4.31 -12.44 -16.70
C ARG A 375 -5.27 -12.51 -15.52
N ASP A 376 -5.15 -13.62 -14.79
CA ASP A 376 -5.72 -13.78 -13.46
C ASP A 376 -4.63 -14.32 -12.54
N CYS A 377 -4.84 -14.17 -11.24
CA CYS A 377 -3.93 -14.76 -10.25
C CYS A 377 -4.77 -15.39 -9.15
N PRO A 378 -5.06 -16.68 -9.26
CA PRO A 378 -5.91 -17.33 -8.25
C PRO A 378 -5.22 -17.41 -6.90
N ASP A 379 -6.03 -17.47 -5.85
CA ASP A 379 -5.51 -17.53 -4.49
C ASP A 379 -4.62 -18.76 -4.33
N PRO A 380 -3.56 -18.65 -3.52
CA PRO A 380 -3.12 -17.46 -2.79
C PRO A 380 -2.30 -16.53 -3.67
N CYS A 381 -2.70 -15.26 -3.78
CA CYS A 381 -1.96 -14.32 -4.59
C CYS A 381 -2.02 -12.94 -3.96
N ILE A 382 -0.85 -12.30 -3.82
CA ILE A 382 -0.78 -10.99 -3.21
C ILE A 382 -1.35 -9.94 -4.17
N GLY A 383 -1.85 -8.84 -3.60
CA GLY A 383 -2.50 -7.83 -4.41
C GLY A 383 -1.57 -7.21 -5.44
N TRP A 384 -0.35 -6.87 -5.00
CA TRP A 384 0.64 -6.31 -5.91
C TRP A 384 2.01 -6.27 -5.22
N ASP B 19 -7.04 20.43 6.36
CA ASP B 19 -7.11 21.39 7.45
C ASP B 19 -7.35 20.69 8.78
N CYS B 20 -6.78 21.23 9.85
CA CYS B 20 -6.91 20.59 11.16
C CYS B 20 -8.33 20.75 11.69
N ARG B 21 -8.84 19.70 12.33
CA ARG B 21 -10.16 19.75 12.92
C ARG B 21 -10.10 20.41 14.29
N LYS B 22 -11.25 20.94 14.72
CA LYS B 22 -11.36 21.60 16.01
C LYS B 22 -12.77 21.35 16.55
N SER B 23 -12.90 21.49 17.87
CA SER B 23 -14.20 21.37 18.55
C SER B 23 -14.83 20.00 18.32
N THR B 24 -14.03 18.95 18.53
CA THR B 24 -14.49 17.58 18.39
C THR B 24 -14.64 16.86 19.72
N TYR B 25 -14.33 17.50 20.84
CA TYR B 25 -14.27 16.82 22.13
C TYR B 25 -15.24 17.41 23.16
N PRO B 26 -15.89 16.56 23.97
CA PRO B 26 -15.81 15.09 24.03
C PRO B 26 -16.38 14.43 22.78
N PRO B 27 -16.00 13.18 22.53
CA PRO B 27 -16.33 12.56 21.24
C PRO B 27 -17.83 12.57 20.96
N SER B 28 -18.17 12.90 19.71
CA SER B 28 -19.53 12.87 19.22
C SER B 28 -19.46 12.97 17.70
N GLY B 29 -20.54 12.54 17.05
CA GLY B 29 -20.68 12.73 15.62
C GLY B 29 -20.31 11.51 14.81
N PRO B 30 -20.15 11.71 13.49
CA PRO B 30 -19.97 10.56 12.59
C PRO B 30 -18.62 9.86 12.73
N THR B 31 -17.59 10.54 13.22
CA THR B 31 -16.29 9.89 13.41
C THR B 31 -16.22 9.08 14.69
N TYR B 32 -17.28 9.07 15.50
CA TYR B 32 -17.30 8.43 16.81
C TYR B 32 -18.20 7.20 16.74
N ARG B 33 -17.60 6.02 16.76
CA ARG B 33 -18.34 4.77 16.70
C ARG B 33 -18.97 4.39 18.03
N GLY B 34 -18.43 4.90 19.13
CA GLY B 34 -18.92 4.56 20.44
C GLY B 34 -17.78 4.31 21.40
N PRO B 35 -18.10 4.07 22.66
CA PRO B 35 -17.06 3.78 23.65
C PRO B 35 -16.64 2.31 23.63
N VAL B 36 -15.43 2.07 24.12
CA VAL B 36 -14.86 0.73 24.17
C VAL B 36 -15.25 0.10 25.50
N PRO B 37 -15.83 -1.10 25.52
CA PRO B 37 -16.25 -1.70 26.78
C PRO B 37 -15.07 -2.03 27.68
N TRP B 38 -15.35 -2.10 28.98
CA TRP B 38 -14.35 -2.40 29.98
C TRP B 38 -14.54 -3.82 30.51
N TYR B 39 -13.43 -4.53 30.67
CA TYR B 39 -13.43 -5.85 31.30
C TYR B 39 -12.30 -5.90 32.32
N THR B 40 -12.54 -6.65 33.40
CA THR B 40 -11.54 -6.85 34.43
C THR B 40 -10.89 -8.22 34.25
N ILE B 41 -9.57 -8.25 34.22
CA ILE B 41 -8.80 -9.49 34.20
C ILE B 41 -8.18 -9.68 35.57
N ASN B 42 -8.60 -10.74 36.25
CA ASN B 42 -8.16 -10.99 37.63
C ASN B 42 -6.93 -11.89 37.60
N LEU B 43 -5.77 -11.31 37.88
CA LEU B 43 -4.52 -12.07 37.87
C LEU B 43 -4.46 -13.08 39.00
N ASP B 44 -5.28 -12.92 40.04
CA ASP B 44 -5.33 -13.91 41.12
C ASP B 44 -5.88 -15.24 40.60
N LEU B 45 -6.70 -15.21 39.56
CA LEU B 45 -7.22 -16.43 38.98
C LEU B 45 -6.11 -17.22 38.30
N PRO B 46 -6.27 -18.53 38.17
CA PRO B 46 -5.31 -19.32 37.39
C PRO B 46 -5.36 -18.90 35.93
N PRO B 47 -4.21 -18.82 35.26
CA PRO B 47 -4.19 -18.27 33.89
C PRO B 47 -5.23 -18.88 32.95
N TYR B 48 -5.46 -20.19 33.04
CA TYR B 48 -6.41 -20.84 32.14
C TYR B 48 -7.79 -20.18 32.18
N LYS B 49 -8.15 -19.59 33.32
CA LYS B 49 -9.52 -19.11 33.55
C LYS B 49 -9.69 -17.61 33.29
N ARG B 50 -8.61 -16.88 33.01
CA ARG B 50 -8.66 -15.42 33.09
C ARG B 50 -9.52 -14.81 31.99
N TRP B 51 -9.47 -15.36 30.78
CA TRP B 51 -10.17 -14.79 29.64
C TRP B 51 -11.52 -15.45 29.39
N HIS B 52 -11.96 -16.33 30.29
CA HIS B 52 -13.16 -17.11 30.04
C HIS B 52 -14.39 -16.21 29.87
N GLU B 53 -14.56 -15.26 30.79
CA GLU B 53 -15.72 -14.38 30.73
C GLU B 53 -15.63 -13.37 29.59
N LEU B 54 -14.44 -13.10 29.08
CA LEU B 54 -14.29 -12.17 27.97
C LEU B 54 -14.45 -12.83 26.61
N MET B 55 -13.91 -14.03 26.43
CA MET B 55 -13.98 -14.69 25.13
C MET B 55 -15.38 -15.15 24.78
N VAL B 56 -16.31 -14.93 25.72
CA VAL B 56 -17.71 -15.27 25.51
C VAL B 56 -18.23 -14.64 24.23
N ASP B 57 -18.92 -15.44 23.42
CA ASP B 57 -19.72 -14.95 22.31
C ASP B 57 -18.88 -14.22 21.27
N LYS B 58 -17.56 -14.39 21.32
CA LYS B 58 -16.65 -13.69 20.42
C LYS B 58 -15.96 -14.61 19.44
N ALA B 59 -16.21 -15.92 19.52
CA ALA B 59 -15.60 -16.84 18.58
C ALA B 59 -15.96 -16.52 17.13
N PRO B 60 -17.22 -16.19 16.78
CA PRO B 60 -17.50 -15.94 15.36
C PRO B 60 -16.69 -14.80 14.78
N ALA B 61 -16.65 -13.64 15.45
CA ALA B 61 -15.82 -12.55 14.96
C ALA B 61 -14.35 -12.93 14.96
N LEU B 62 -13.88 -13.56 16.04
CA LEU B 62 -12.48 -13.94 16.13
C LEU B 62 -12.10 -14.92 15.03
N LYS B 63 -13.02 -15.82 14.66
CA LYS B 63 -12.74 -16.74 13.57
C LYS B 63 -12.49 -16.00 12.27
N VAL B 64 -13.25 -14.93 12.04
CA VAL B 64 -13.06 -14.11 10.84
C VAL B 64 -11.68 -13.44 10.86
N ILE B 65 -11.28 -12.90 12.00
CA ILE B 65 -10.00 -12.23 12.09
C ILE B 65 -8.86 -13.21 11.82
N VAL B 66 -8.93 -14.38 12.44
CA VAL B 66 -7.87 -15.37 12.27
C VAL B 66 -7.75 -15.79 10.81
N ASN B 67 -8.88 -16.05 10.16
CA ASN B 67 -8.84 -16.43 8.75
CA ASN B 67 -8.84 -16.43 8.75
C ASN B 67 -8.14 -15.36 7.92
N TYR B 68 -8.35 -14.09 8.26
CA TYR B 68 -7.74 -13.00 7.51
C TYR B 68 -6.22 -13.04 7.62
N LEU B 69 -5.71 -13.19 8.84
CA LEU B 69 -4.26 -13.29 9.02
C LEU B 69 -3.68 -14.43 8.19
N LYS B 70 -4.34 -15.59 8.24
CA LYS B 70 -3.86 -16.76 7.51
C LYS B 70 -3.82 -16.49 6.01
N ASN B 71 -4.91 -15.94 5.46
CA ASN B 71 -4.97 -15.74 4.01
C ASN B 71 -3.97 -14.68 3.56
N MET B 72 -3.79 -13.62 4.36
CA MET B 72 -2.81 -12.60 3.99
C MET B 72 -1.40 -13.15 4.06
N ILE B 73 -1.09 -13.98 5.06
CA ILE B 73 0.24 -14.55 5.18
C ILE B 73 0.50 -15.55 4.06
N ASN B 74 -0.49 -16.39 3.76
CA ASN B 74 -0.32 -17.34 2.65
C ASN B 74 -0.13 -16.61 1.33
N ALA B 75 -0.89 -15.54 1.11
CA ALA B 75 -0.72 -14.77 -0.12
C ALA B 75 0.65 -14.13 -0.18
N PHE B 76 1.17 -13.70 0.97
CA PHE B 76 2.50 -13.09 0.99
C PHE B 76 3.59 -14.13 0.78
N GLU B 77 3.33 -15.39 1.14
CA GLU B 77 4.29 -16.48 0.96
C GLU B 77 3.54 -17.66 0.36
N PRO B 78 3.31 -17.65 -0.96
CA PRO B 78 2.48 -18.71 -1.57
C PRO B 78 3.08 -20.09 -1.49
N SER B 79 4.38 -20.22 -1.20
CA SER B 79 5.02 -21.52 -1.25
C SER B 79 4.43 -22.48 -0.23
N GLY B 80 4.11 -21.98 0.98
CA GLY B 80 3.70 -22.84 2.07
C GLY B 80 2.41 -22.37 2.70
N LYS B 81 1.89 -23.23 3.59
CA LYS B 81 0.65 -22.98 4.32
C LYS B 81 0.99 -22.70 5.78
N ILE B 82 0.51 -21.58 6.31
CA ILE B 82 0.99 -21.10 7.60
C ILE B 82 0.40 -21.94 8.73
N VAL B 83 -0.92 -22.17 8.72
CA VAL B 83 -1.54 -22.92 9.80
C VAL B 83 -0.98 -24.33 9.86
N GLN B 84 -0.75 -24.94 8.70
CA GLN B 84 -0.09 -26.24 8.67
C GLN B 84 1.27 -26.17 9.38
N LEU B 85 2.02 -25.08 9.17
CA LEU B 85 3.34 -24.99 9.76
C LEU B 85 3.27 -24.78 11.26
N VAL B 86 2.42 -23.86 11.72
CA VAL B 86 2.23 -23.68 13.16
C VAL B 86 1.80 -25.00 13.79
N ASP B 87 0.82 -25.66 13.18
CA ASP B 87 0.36 -26.93 13.72
C ASP B 87 1.50 -27.93 13.85
N GLN B 88 2.35 -28.01 12.82
CA GLN B 88 3.43 -29.01 12.85
C GLN B 88 4.51 -28.66 13.87
N LYS B 89 4.73 -27.38 14.15
CA LYS B 89 5.67 -26.98 15.21
C LYS B 89 4.97 -26.60 16.51
N LEU B 90 3.68 -26.90 16.64
CA LEU B 90 2.90 -26.43 17.77
C LEU B 90 3.55 -26.84 19.10
N PRO B 91 3.81 -28.14 19.34
CA PRO B 91 4.38 -28.53 20.63
C PRO B 91 5.56 -27.68 21.06
N GLY B 92 6.54 -27.47 20.17
CA GLY B 92 7.67 -26.62 20.51
C GLY B 92 7.26 -25.20 20.83
N LEU B 93 6.32 -24.66 20.05
CA LEU B 93 5.85 -23.30 20.30
C LEU B 93 5.19 -23.19 21.67
N LEU B 94 4.39 -24.19 22.05
CA LEU B 94 3.71 -24.15 23.34
C LEU B 94 4.71 -24.06 24.49
N GLY B 95 5.67 -24.97 24.53
CA GLY B 95 6.69 -24.91 25.56
C GLY B 95 7.52 -23.64 25.49
N SER B 96 7.69 -23.09 24.28
CA SER B 96 8.45 -21.86 24.13
C SER B 96 7.82 -20.69 24.89
N PHE B 97 6.50 -20.66 24.96
CA PHE B 97 5.84 -19.55 25.64
C PHE B 97 6.04 -19.65 27.14
N PRO B 98 6.19 -18.52 27.84
CA PRO B 98 6.15 -18.56 29.31
C PRO B 98 4.85 -19.19 29.80
N GLY B 99 4.91 -19.74 31.00
CA GLY B 99 3.83 -20.51 31.57
C GLY B 99 2.46 -19.86 31.45
N PRO B 100 2.32 -18.61 31.93
CA PRO B 100 0.98 -18.02 31.95
C PRO B 100 0.39 -17.85 30.56
N PHE B 101 1.18 -17.37 29.60
CA PHE B 101 0.65 -17.07 28.27
C PHE B 101 0.13 -18.32 27.59
N GLU B 102 0.87 -19.42 27.67
CA GLU B 102 0.39 -20.68 27.09
C GLU B 102 -0.96 -21.06 27.66
N GLU B 103 -1.09 -21.06 28.99
CA GLU B 103 -2.33 -21.49 29.62
C GLU B 103 -3.46 -20.52 29.33
N GLU B 104 -3.17 -19.22 29.29
CA GLU B 104 -4.19 -18.25 28.93
C GLU B 104 -4.73 -18.52 27.52
N MET B 105 -3.85 -18.89 26.59
CA MET B 105 -4.28 -19.14 25.21
C MET B 105 -5.06 -20.45 25.12
N LYS B 106 -4.65 -21.47 25.87
CA LYS B 106 -5.41 -22.72 25.89
C LYS B 106 -6.83 -22.48 26.41
N GLY B 107 -6.97 -21.62 27.42
CA GLY B 107 -8.29 -21.25 27.89
C GLY B 107 -9.11 -20.56 26.82
N ILE B 108 -8.46 -19.70 26.04
CA ILE B 108 -9.16 -19.02 24.94
C ILE B 108 -9.60 -20.04 23.89
N ALA B 109 -8.69 -20.94 23.51
CA ALA B 109 -9.02 -21.94 22.49
C ALA B 109 -10.18 -22.83 22.93
N ALA B 110 -10.22 -23.18 24.22
CA ALA B 110 -11.29 -24.04 24.70
C ALA B 110 -12.64 -23.34 24.66
N VAL B 111 -12.70 -22.13 25.24
CA VAL B 111 -13.96 -21.40 25.31
C VAL B 111 -14.48 -21.09 23.91
N THR B 112 -13.59 -20.69 23.00
CA THR B 112 -13.99 -20.29 21.66
C THR B 112 -14.14 -21.48 20.71
N GLU B 113 -13.67 -22.66 21.09
CA GLU B 113 -13.69 -23.83 20.21
C GLU B 113 -12.90 -23.57 18.94
N ILE B 114 -11.86 -22.75 19.04
CA ILE B 114 -10.97 -22.46 17.93
C ILE B 114 -9.71 -23.31 18.13
N PRO B 115 -9.16 -23.92 17.08
CA PRO B 115 -7.96 -24.73 17.27
C PRO B 115 -6.86 -23.92 17.93
N LEU B 116 -6.13 -24.58 18.84
CA LEU B 116 -5.08 -23.89 19.59
C LEU B 116 -4.03 -23.31 18.66
N GLY B 117 -3.66 -24.04 17.61
CA GLY B 117 -2.66 -23.53 16.69
C GLY B 117 -3.04 -22.20 16.09
N GLU B 118 -4.34 -22.00 15.84
CA GLU B 118 -4.81 -20.75 15.24
C GLU B 118 -4.81 -19.61 16.26
N ILE B 119 -5.16 -19.89 17.51
CA ILE B 119 -5.03 -18.87 18.55
C ILE B 119 -3.58 -18.44 18.66
N ILE B 120 -2.65 -19.40 18.61
CA ILE B 120 -1.23 -19.05 18.70
C ILE B 120 -0.82 -18.23 17.49
N LEU B 121 -1.26 -18.63 16.30
CA LEU B 121 -1.00 -17.83 15.11
C LEU B 121 -1.50 -16.40 15.30
N PHE B 122 -2.71 -16.25 15.84
CA PHE B 122 -3.28 -14.92 16.06
C PHE B 122 -2.41 -14.10 17.00
N ASN B 123 -1.89 -14.74 18.07
CA ASN B 123 -1.09 -14.02 19.06
C ASN B 123 0.31 -13.71 18.56
N ILE B 124 0.83 -14.52 17.64
CA ILE B 124 2.19 -14.31 17.16
C ILE B 124 2.23 -13.18 16.14
N PHE B 125 1.27 -13.14 15.22
CA PHE B 125 1.35 -12.29 14.04
C PHE B 125 0.51 -11.02 14.14
N TYR B 126 -0.18 -10.81 15.26
CA TYR B 126 -1.09 -9.66 15.34
C TYR B 126 -0.35 -8.35 15.09
N GLU B 127 0.88 -8.22 15.61
CA GLU B 127 1.60 -6.95 15.50
C GLU B 127 1.79 -6.53 14.05
N PHE B 128 2.07 -7.50 13.17
CA PHE B 128 2.41 -7.17 11.80
C PHE B 128 1.22 -6.63 11.01
N PHE B 129 0.02 -6.64 11.57
CA PHE B 129 -1.17 -6.14 10.89
C PHE B 129 -1.65 -4.81 11.46
N THR B 130 -0.78 -4.08 12.14
CA THR B 130 -1.16 -2.81 12.77
C THR B 130 -0.19 -1.72 12.35
N ILE B 131 -0.73 -0.56 12.01
CA ILE B 131 0.02 0.68 11.93
C ILE B 131 -0.64 1.65 12.91
N ALA B 132 0.12 2.65 13.35
CA ALA B 132 -0.41 3.51 14.40
C ALA B 132 0.29 4.85 14.39
N THR B 133 -0.39 5.84 14.95
CA THR B 133 0.16 7.16 15.22
C THR B 133 0.20 7.32 16.74
N SER B 134 1.40 7.34 17.30
CA SER B 134 1.60 7.51 18.74
C SER B 134 2.22 8.88 19.01
N ILE B 135 1.70 9.57 20.02
CA ILE B 135 2.14 10.92 20.34
C ILE B 135 2.31 11.04 21.85
N ILE B 136 3.42 11.63 22.27
CA ILE B 136 3.62 12.06 23.65
C ILE B 136 3.86 13.56 23.62
N THR B 137 3.26 14.27 24.58
CA THR B 137 3.37 15.73 24.64
C THR B 137 3.52 16.17 26.08
N GLU B 138 4.10 17.35 26.25
CA GLU B 138 4.27 17.96 27.57
C GLU B 138 3.78 19.40 27.54
N ASP B 139 2.87 19.74 28.44
CA ASP B 139 2.49 21.12 28.62
C ASP B 139 3.62 21.84 29.38
N LYS B 140 3.68 23.17 29.22
CA LYS B 140 4.69 23.90 29.97
C LYS B 140 4.48 23.76 31.47
N GLU B 141 3.26 23.43 31.89
CA GLU B 141 3.01 23.05 33.27
C GLU B 141 3.78 21.79 33.66
N GLY B 142 4.28 21.05 32.68
CA GLY B 142 5.17 19.92 32.91
C GLY B 142 4.55 18.54 32.97
N HIS B 143 3.29 18.38 32.55
CA HIS B 143 2.62 17.08 32.65
C HIS B 143 2.40 16.48 31.27
N LEU B 144 2.56 15.16 31.19
CA LEU B 144 2.60 14.44 29.93
C LEU B 144 1.23 13.90 29.54
N LEU B 145 0.93 13.95 28.25
CA LEU B 145 -0.21 13.26 27.65
C LEU B 145 0.30 12.26 26.63
N HIS B 146 -0.33 11.09 26.59
CA HIS B 146 0.02 10.03 25.66
C HIS B 146 -1.24 9.63 24.91
N ALA B 147 -1.21 9.71 23.58
CA ALA B 147 -2.37 9.45 22.76
C ALA B 147 -1.95 8.59 21.58
N ARG B 148 -2.95 7.95 20.95
CA ARG B 148 -2.65 6.94 19.95
C ARG B 148 -3.86 6.69 19.07
N ASN B 149 -3.62 6.66 17.75
CA ASN B 149 -4.57 6.14 16.78
C ASN B 149 -4.03 4.81 16.26
N MET B 150 -4.85 3.77 16.35
CA MET B 150 -4.44 2.44 15.92
C MET B 150 -5.29 2.02 14.72
N ASP B 151 -4.61 1.56 13.67
CA ASP B 151 -5.26 0.99 12.50
C ASP B 151 -5.01 -0.51 12.46
N PHE B 152 -5.92 -1.23 11.81
CA PHE B 152 -5.76 -2.66 11.61
C PHE B 152 -6.02 -3.02 10.15
N GLY B 153 -5.37 -4.09 9.71
CA GLY B 153 -5.61 -4.69 8.41
C GLY B 153 -4.46 -4.52 7.44
N VAL B 154 -3.68 -3.45 7.59
CA VAL B 154 -2.52 -3.22 6.73
C VAL B 154 -1.41 -4.16 7.19
N PHE B 155 -0.94 -5.01 6.30
CA PHE B 155 0.07 -6.00 6.61
C PHE B 155 1.44 -5.48 6.19
N LEU B 156 2.39 -5.49 7.13
CA LEU B 156 3.75 -5.02 6.88
C LEU B 156 3.79 -3.60 6.33
N GLY B 157 2.78 -2.80 6.67
CA GLY B 157 2.79 -1.38 6.40
C GLY B 157 2.31 -0.97 5.03
N TRP B 158 1.89 -1.90 4.17
CA TRP B 158 1.51 -1.51 2.82
C TRP B 158 0.45 -2.42 2.19
N ASN B 159 0.35 -3.67 2.63
CA ASN B 159 -0.43 -4.68 1.93
C ASN B 159 -1.82 -4.82 2.52
N VAL B 160 -2.82 -4.87 1.63
CA VAL B 160 -4.21 -5.13 1.99
C VAL B 160 -4.83 -5.99 0.89
N ASN B 161 -6.03 -6.51 1.16
CA ASN B 161 -6.79 -7.25 0.16
C ASN B 161 -8.23 -6.75 0.18
N ASN B 162 -9.07 -7.37 -0.66
CA ASN B 162 -10.42 -6.86 -0.84
C ASN B 162 -11.33 -7.10 0.36
N ASN B 163 -10.85 -7.81 1.38
CA ASN B 163 -11.63 -8.06 2.58
C ASN B 163 -11.13 -7.26 3.78
N THR B 164 -10.08 -6.44 3.60
CA THR B 164 -9.49 -5.75 4.74
C THR B 164 -10.51 -4.88 5.47
N TRP B 165 -11.34 -4.16 4.71
CA TRP B 165 -12.26 -3.22 5.34
C TRP B 165 -13.39 -3.94 6.06
N VAL B 166 -13.88 -5.04 5.48
CA VAL B 166 -14.89 -5.84 6.16
C VAL B 166 -14.33 -6.42 7.45
N VAL B 167 -13.12 -6.95 7.40
CA VAL B 167 -12.52 -7.56 8.59
C VAL B 167 -12.30 -6.50 9.67
N THR B 168 -11.79 -5.33 9.28
CA THR B 168 -11.51 -4.30 10.27
C THR B 168 -12.78 -3.87 10.98
N GLU B 169 -13.89 -3.74 10.25
CA GLU B 169 -15.15 -3.41 10.89
C GLU B 169 -15.59 -4.54 11.83
N GLU B 170 -15.29 -5.78 11.44
CA GLU B 170 -15.61 -6.92 12.29
C GLU B 170 -14.76 -6.94 13.56
N LEU B 171 -13.57 -6.34 13.52
CA LEU B 171 -12.68 -6.34 14.66
C LEU B 171 -13.11 -5.33 15.73
N LYS B 172 -13.77 -4.26 15.34
CA LYS B 172 -14.07 -3.20 16.30
C LYS B 172 -14.87 -3.70 17.50
N PRO B 173 -15.89 -4.54 17.35
CA PRO B 173 -16.55 -5.10 18.54
C PRO B 173 -15.64 -5.93 19.43
N LEU B 174 -14.47 -6.35 18.93
CA LEU B 174 -13.53 -7.10 19.73
C LEU B 174 -12.59 -6.22 20.55
N THR B 175 -12.58 -4.91 20.29
CA THR B 175 -11.75 -4.00 21.07
C THR B 175 -12.22 -3.95 22.51
N VAL B 176 -11.27 -3.94 23.44
CA VAL B 176 -11.59 -3.98 24.87
C VAL B 176 -10.59 -3.14 25.64
N ASN B 177 -11.09 -2.47 26.67
CA ASN B 177 -10.24 -1.86 27.69
C ASN B 177 -10.12 -2.86 28.82
N LEU B 178 -8.89 -3.17 29.22
CA LEU B 178 -8.62 -4.20 30.21
C LEU B 178 -8.04 -3.58 31.47
N ASP B 179 -8.61 -3.92 32.61
CA ASP B 179 -8.11 -3.50 33.92
C ASP B 179 -7.57 -4.76 34.61
N PHE B 180 -6.25 -4.91 34.63
CA PHE B 180 -5.61 -6.06 35.23
C PHE B 180 -5.47 -5.85 36.73
N GLN B 181 -5.97 -6.80 37.52
CA GLN B 181 -6.05 -6.63 38.97
C GLN B 181 -5.38 -7.78 39.71
N ARG B 182 -4.70 -7.43 40.81
CA ARG B 182 -4.23 -8.35 41.83
C ARG B 182 -4.89 -7.93 43.14
N ASN B 183 -5.52 -8.85 43.85
CA ASN B 183 -6.20 -8.48 45.10
C ASN B 183 -7.19 -7.35 44.86
N SER B 184 -7.84 -7.35 43.71
CA SER B 184 -8.87 -6.38 43.34
C SER B 184 -8.33 -4.96 43.20
N LYS B 185 -7.02 -4.78 43.14
CA LYS B 185 -6.39 -3.48 42.95
C LYS B 185 -5.69 -3.45 41.59
N THR B 186 -5.84 -2.33 40.88
CA THR B 186 -5.35 -2.23 39.51
C THR B 186 -3.83 -2.27 39.45
N VAL B 187 -3.31 -3.20 38.67
CA VAL B 187 -1.88 -3.27 38.38
C VAL B 187 -1.53 -2.42 37.16
N PHE B 188 -2.25 -2.63 36.06
CA PHE B 188 -2.10 -1.79 34.89
C PHE B 188 -3.38 -1.90 34.07
N LYS B 189 -3.58 -0.93 33.19
CA LYS B 189 -4.68 -0.94 32.24
C LYS B 189 -4.13 -0.95 30.82
N ALA B 190 -4.92 -1.46 29.90
CA ALA B 190 -4.47 -1.64 28.52
C ALA B 190 -5.65 -1.64 27.58
N ALA B 191 -5.40 -1.23 26.35
CA ALA B 191 -6.35 -1.38 25.25
C ALA B 191 -5.93 -2.59 24.43
N GLY B 192 -6.84 -3.54 24.29
CA GLY B 192 -6.51 -4.80 23.65
C GLY B 192 -7.63 -5.36 22.80
N PHE B 193 -7.53 -6.63 22.44
CA PHE B 193 -8.50 -7.27 21.57
C PHE B 193 -8.75 -8.68 22.06
N ALA B 194 -10.02 -9.04 22.19
CA ALA B 194 -10.39 -10.35 22.70
C ALA B 194 -9.68 -11.45 21.90
N GLY B 195 -9.06 -12.37 22.63
CA GLY B 195 -8.27 -13.43 22.03
C GLY B 195 -6.79 -13.12 21.96
N TYR B 196 -6.40 -11.86 22.12
CA TYR B 196 -5.01 -11.45 22.09
C TYR B 196 -4.55 -11.22 23.52
N VAL B 197 -3.66 -12.10 24.01
CA VAL B 197 -3.19 -12.00 25.39
C VAL B 197 -2.09 -10.97 25.56
N GLY B 198 -1.49 -10.50 24.47
CA GLY B 198 -0.57 -9.38 24.53
C GLY B 198 -1.30 -8.06 24.38
N MET B 199 -0.51 -6.98 24.38
CA MET B 199 -1.06 -5.64 24.24
C MET B 199 -0.03 -4.74 23.59
N LEU B 200 -0.53 -3.73 22.90
CA LEU B 200 0.31 -2.70 22.29
C LEU B 200 0.07 -1.33 22.91
N THR B 201 -0.83 -1.22 23.88
CA THR B 201 -1.16 0.05 24.51
C THR B 201 -1.52 -0.22 25.97
N GLY B 202 -0.83 0.45 26.89
CA GLY B 202 -1.13 0.27 28.30
C GLY B 202 -0.42 1.32 29.13
N PHE B 203 -0.74 1.32 30.43
CA PHE B 203 -0.06 2.22 31.35
C PHE B 203 -0.28 1.72 32.77
N LYS B 204 0.65 2.08 33.66
CA LYS B 204 0.52 1.84 35.09
C LYS B 204 0.20 3.17 35.76
N PRO B 205 -0.96 3.33 36.41
CA PRO B 205 -1.31 4.65 36.95
C PRO B 205 -0.20 5.26 37.78
N GLY B 206 0.14 6.52 37.46
CA GLY B 206 1.13 7.27 38.19
C GLY B 206 2.57 6.92 37.89
N LEU B 207 2.83 5.91 37.06
CA LEU B 207 4.20 5.48 36.77
C LEU B 207 4.57 5.77 35.33
N PHE B 208 3.99 5.05 34.35
CA PHE B 208 4.39 5.23 32.96
C PHE B 208 3.32 4.71 32.03
N SER B 209 3.38 5.17 30.79
CA SER B 209 2.54 4.70 29.71
C SER B 209 3.42 4.12 28.60
N LEU B 210 2.85 3.22 27.81
CA LEU B 210 3.63 2.48 26.84
C LEU B 210 2.75 2.09 25.64
N THR B 211 3.24 2.40 24.44
CA THR B 211 2.62 1.93 23.21
C THR B 211 3.71 1.39 22.29
N LEU B 212 3.32 0.43 21.45
CA LEU B 212 4.24 -0.22 20.52
C LEU B 212 3.79 0.08 19.10
N ASN B 213 4.71 0.55 18.28
CA ASN B 213 4.48 0.73 16.86
C ASN B 213 5.33 -0.26 16.08
N GLU B 214 4.74 -0.86 15.06
CA GLU B 214 5.48 -1.83 14.26
C GLU B 214 6.53 -1.12 13.42
N ARG B 215 7.70 -1.74 13.30
CA ARG B 215 8.81 -1.23 12.52
C ARG B 215 9.17 -2.22 11.43
N PHE B 216 9.36 -1.73 10.22
CA PHE B 216 9.58 -2.57 9.04
C PHE B 216 10.97 -2.27 8.49
N SER B 217 11.87 -3.24 8.59
CA SER B 217 13.24 -3.07 8.10
C SER B 217 13.68 -4.31 7.33
N GLY B 221 12.66 -9.10 10.46
CA GLY B 221 11.35 -8.63 10.85
C GLY B 221 10.32 -9.74 10.89
N PHE B 222 9.41 -9.71 9.92
CA PHE B 222 8.42 -10.79 9.79
C PHE B 222 9.09 -12.11 9.44
N MET B 223 10.10 -12.07 8.57
CA MET B 223 10.82 -13.28 8.21
C MET B 223 11.51 -13.89 9.42
N GLY B 224 12.05 -13.06 10.30
CA GLY B 224 12.72 -13.58 11.49
C GLY B 224 11.81 -14.48 12.32
N VAL B 225 10.60 -13.99 12.60
CA VAL B 225 9.62 -14.82 13.29
C VAL B 225 9.47 -16.16 12.56
N ILE B 226 9.27 -16.11 11.25
CA ILE B 226 9.12 -17.33 10.45
C ILE B 226 10.29 -18.28 10.73
N GLU B 227 11.52 -17.78 10.54
CA GLU B 227 12.68 -18.58 10.88
C GLU B 227 12.64 -19.02 12.34
N TRP B 228 12.27 -18.11 13.23
CA TRP B 228 12.24 -18.44 14.65
C TRP B 228 11.20 -19.53 14.92
N ILE B 229 10.08 -19.50 14.21
CA ILE B 229 9.03 -20.50 14.38
C ILE B 229 9.63 -21.89 14.26
N PHE B 240 5.35 -10.27 23.65
CA PHE B 240 4.74 -10.28 24.97
C PHE B 240 5.40 -9.28 25.91
N ILE B 241 6.49 -8.66 25.43
CA ILE B 241 7.31 -7.81 26.29
C ILE B 241 6.48 -6.70 26.89
N ILE B 242 5.60 -6.08 26.10
CA ILE B 242 4.77 -5.00 26.61
C ILE B 242 4.00 -5.46 27.83
N ARG B 243 3.43 -6.68 27.77
CA ARG B 243 2.69 -7.21 28.90
C ARG B 243 3.59 -7.41 30.11
N SER B 244 4.79 -7.96 29.91
CA SER B 244 5.69 -8.22 31.03
C SER B 244 6.12 -6.94 31.71
N VAL B 245 6.44 -5.91 30.91
CA VAL B 245 6.84 -4.63 31.50
C VAL B 245 5.68 -4.02 32.28
N LEU B 246 4.51 -3.93 31.65
CA LEU B 246 3.35 -3.34 32.32
C LEU B 246 3.00 -4.10 33.59
N GLU B 247 3.14 -5.42 33.57
CA GLU B 247 2.69 -6.24 34.68
C GLU B 247 3.66 -6.18 35.87
N ASN B 248 4.97 -6.20 35.63
CA ASN B 248 5.93 -6.38 36.71
C ASN B 248 6.94 -5.26 36.90
N SER B 249 6.96 -4.24 36.04
CA SER B 249 7.89 -3.13 36.21
C SER B 249 7.34 -2.12 37.20
N THR B 250 8.19 -1.68 38.14
CA THR B 250 7.77 -0.81 39.23
C THR B 250 8.13 0.65 39.02
N SER B 251 8.69 1.02 37.87
CA SER B 251 9.09 2.41 37.68
C SER B 251 9.38 2.66 36.20
N TYR B 252 9.32 3.94 35.83
CA TYR B 252 9.68 4.36 34.48
C TYR B 252 11.09 3.94 34.11
N GLU B 253 12.03 4.12 35.04
CA GLU B 253 13.44 3.83 34.72
C GLU B 253 13.64 2.33 34.47
N GLU B 254 13.05 1.48 35.29
CA GLU B 254 13.17 0.04 35.08
C GLU B 254 12.58 -0.36 33.74
N ALA B 255 11.38 0.15 33.43
CA ALA B 255 10.76 -0.15 32.14
C ALA B 255 11.64 0.30 30.98
N LYS B 256 12.34 1.43 31.16
CA LYS B 256 13.18 1.95 30.10
C LYS B 256 14.33 0.99 29.77
N THR B 257 15.04 0.52 30.79
CA THR B 257 16.18 -0.36 30.56
C THR B 257 15.76 -1.69 29.95
N ILE B 258 14.59 -2.20 30.33
CA ILE B 258 14.13 -3.46 29.76
C ILE B 258 13.83 -3.30 28.27
N LEU B 259 13.17 -2.19 27.91
CA LEU B 259 12.77 -1.97 26.52
C LEU B 259 13.95 -1.64 25.63
N THR B 260 15.04 -1.11 26.18
CA THR B 260 16.21 -0.78 25.38
C THR B 260 17.09 -1.99 25.12
N LYS B 261 17.26 -2.83 26.14
CA LYS B 261 18.27 -3.89 26.11
C LYS B 261 17.70 -5.26 25.77
N SER B 262 16.46 -5.55 26.15
CA SER B 262 15.92 -6.89 26.03
C SER B 262 15.79 -7.30 24.56
N LYS B 263 16.05 -8.58 24.29
CA LYS B 263 15.79 -9.13 22.96
C LYS B 263 14.30 -9.11 22.67
N ILE B 264 13.97 -8.95 21.39
CA ILE B 264 12.59 -8.90 20.94
C ILE B 264 12.50 -9.65 19.61
N LEU B 265 11.28 -10.12 19.30
CA LEU B 265 11.12 -10.97 18.12
C LEU B 265 11.25 -10.19 16.82
N ALA B 266 10.79 -8.96 16.80
CA ALA B 266 10.81 -8.14 15.60
C ALA B 266 11.17 -6.71 15.96
N PRO B 267 11.70 -5.95 15.01
CA PRO B 267 11.98 -4.54 15.28
C PRO B 267 10.71 -3.80 15.67
N ALA B 268 10.86 -2.74 16.46
CA ALA B 268 9.70 -2.02 16.94
C ALA B 268 10.11 -0.61 17.36
N TYR B 269 9.12 0.24 17.51
CA TYR B 269 9.26 1.53 18.16
C TYR B 269 8.52 1.47 19.49
N PHE B 270 9.22 1.81 20.57
CA PHE B 270 8.62 1.89 21.89
C PHE B 270 8.45 3.36 22.26
N ILE B 271 7.20 3.75 22.52
CA ILE B 271 6.90 5.11 22.98
C ILE B 271 6.58 4.98 24.46
N LEU B 272 7.44 5.56 25.30
CA LEU B 272 7.36 5.43 26.74
C LEU B 272 7.14 6.80 27.35
N GLY B 273 6.02 6.96 28.04
CA GLY B 273 5.71 8.19 28.77
C GLY B 273 5.77 7.91 30.26
N GLY B 274 6.31 8.87 31.01
CA GLY B 274 6.44 8.75 32.44
C GLY B 274 5.54 9.72 33.19
N SER B 275 5.70 9.70 34.51
CA SER B 275 4.99 10.60 35.40
C SER B 275 5.74 11.91 35.58
N LYS B 276 7.05 11.83 35.81
CA LYS B 276 7.85 13.02 36.04
C LYS B 276 7.96 13.89 34.80
N SER B 277 8.14 15.18 35.04
CA SER B 277 8.27 16.14 33.95
C SER B 277 9.42 15.75 33.04
N GLY B 278 9.13 15.65 31.74
CA GLY B 278 10.16 15.33 30.78
C GLY B 278 10.46 13.85 30.64
N GLU B 279 9.64 12.98 31.21
CA GLU B 279 9.87 11.54 31.11
C GLU B 279 9.06 11.00 29.94
N GLY B 280 9.58 11.25 28.74
CA GLY B 280 8.99 10.72 27.53
C GLY B 280 10.06 10.47 26.49
N CYS B 281 10.17 9.23 26.02
CA CYS B 281 11.22 8.87 25.08
C CYS B 281 10.66 7.88 24.06
N VAL B 282 11.26 7.88 22.87
CA VAL B 282 10.94 6.93 21.82
C VAL B 282 12.18 6.09 21.56
N ILE B 283 12.05 4.78 21.66
CA ILE B 283 13.15 3.84 21.48
C ILE B 283 12.95 3.12 20.16
N THR B 284 13.86 3.33 19.22
CA THR B 284 13.85 2.61 17.95
C THR B 284 14.72 1.37 18.10
N ARG B 285 14.14 0.20 17.82
CA ARG B 285 14.75 -1.08 18.13
C ARG B 285 14.89 -1.95 16.88
N ASP B 286 15.94 -2.77 16.87
CA ASP B 286 16.05 -3.97 16.05
C ASP B 286 16.00 -5.18 16.99
N ARG B 287 16.39 -6.36 16.49
CA ARG B 287 16.25 -7.57 17.30
C ARG B 287 16.91 -7.41 18.66
N VAL B 288 18.14 -6.89 18.70
CA VAL B 288 18.96 -7.00 19.90
C VAL B 288 19.36 -5.66 20.51
N GLN B 289 19.30 -4.54 19.79
CA GLN B 289 19.84 -3.29 20.33
C GLN B 289 18.94 -2.12 19.96
N SER B 290 19.20 -0.99 20.61
CA SER B 290 18.48 0.26 20.41
C SER B 290 19.24 1.12 19.41
N LEU B 291 18.64 1.34 18.24
CA LEU B 291 19.28 2.13 17.21
C LEU B 291 19.19 3.63 17.49
N ASP B 292 18.18 4.07 18.24
CA ASP B 292 18.05 5.49 18.57
C ASP B 292 17.08 5.66 19.72
N ILE B 293 17.35 6.66 20.56
CA ILE B 293 16.47 7.07 21.65
C ILE B 293 16.29 8.58 21.58
N TYR B 294 15.07 9.02 21.32
CA TYR B 294 14.75 10.44 21.17
C TYR B 294 13.80 10.83 22.29
N GLU B 295 14.19 11.83 23.08
CA GLU B 295 13.46 12.22 24.28
C GLU B 295 12.84 13.60 24.12
N LEU B 296 11.76 13.83 24.86
CA LEU B 296 11.21 15.17 24.99
C LEU B 296 12.24 16.10 25.60
N ASP B 297 12.24 17.35 25.15
CA ASP B 297 13.13 18.39 25.70
C ASP B 297 12.45 19.74 25.57
N PRO B 298 11.45 20.01 26.41
CA PRO B 298 10.77 21.32 26.34
C PRO B 298 11.72 22.47 26.60
N LYS B 299 12.79 22.23 27.38
CA LYS B 299 13.82 23.24 27.55
C LYS B 299 14.35 23.68 26.20
N GLN B 300 14.62 22.72 25.32
CA GLN B 300 15.16 22.93 23.98
C GLN B 300 14.08 23.28 22.97
N GLY B 301 12.80 23.31 23.37
CA GLY B 301 11.72 23.60 22.46
C GLY B 301 11.04 22.40 21.85
N ILE B 302 11.43 21.19 22.24
CA ILE B 302 10.84 19.96 21.72
C ILE B 302 9.84 19.50 22.77
N TRP B 303 8.59 19.94 22.62
CA TRP B 303 7.54 19.63 23.58
C TRP B 303 6.63 18.48 23.16
N TYR B 304 6.93 17.81 22.05
CA TYR B 304 6.15 16.64 21.68
C TYR B 304 6.99 15.71 20.82
N VAL B 305 6.52 14.47 20.68
CA VAL B 305 7.09 13.48 19.77
C VAL B 305 5.96 12.74 19.10
N VAL B 306 6.03 12.62 17.78
CA VAL B 306 5.07 11.87 16.98
C VAL B 306 5.83 10.72 16.32
N GLN B 307 5.39 9.50 16.59
CA GLN B 307 5.99 8.31 16.02
C GLN B 307 4.95 7.54 15.23
N THR B 308 5.22 7.31 13.96
CA THR B 308 4.38 6.49 13.09
C THR B 308 5.08 5.14 12.89
N ASN B 309 5.31 4.67 11.67
CA ASN B 309 5.94 3.38 11.43
C ASN B 309 7.19 3.49 10.58
N TYR B 310 7.85 4.66 10.58
CA TYR B 310 9.12 4.84 9.92
C TYR B 310 10.09 5.54 10.86
N ASP B 311 11.38 5.33 10.60
CA ASP B 311 12.41 5.90 11.46
C ASP B 311 12.41 7.42 11.34
N ARG B 312 12.34 8.10 12.48
CA ARG B 312 12.07 9.53 12.47
C ARG B 312 13.19 10.33 11.83
N TRP B 313 14.45 9.88 11.97
CA TRP B 313 15.55 10.64 11.38
C TRP B 313 15.57 10.51 9.86
N LYS B 314 15.08 9.38 9.34
CA LYS B 314 15.05 9.18 7.90
C LYS B 314 13.95 10.02 7.26
N ASN B 315 14.02 10.12 5.94
CA ASN B 315 12.98 10.79 5.18
C ASN B 315 11.81 9.85 4.94
N PRO B 316 10.57 10.35 5.00
CA PRO B 316 9.41 9.47 4.81
C PRO B 316 9.17 9.12 3.36
N PHE B 317 8.63 7.93 3.15
CA PHE B 317 8.22 7.55 1.80
C PHE B 317 6.89 8.24 1.48
N PHE B 318 6.44 8.09 0.23
CA PHE B 318 5.18 8.70 -0.16
C PHE B 318 4.00 8.14 0.61
N LEU B 319 4.06 6.86 1.01
CA LEU B 319 2.96 6.27 1.76
C LEU B 319 2.98 6.67 3.23
N ASP B 320 4.10 7.18 3.75
CA ASP B 320 4.18 7.65 5.13
C ASP B 320 3.60 9.06 5.16
N ASN B 321 2.27 9.12 5.26
CA ASN B 321 1.51 10.35 5.09
C ASN B 321 0.82 10.83 6.35
N ARG B 322 1.17 10.28 7.52
CA ARG B 322 0.48 10.58 8.77
C ARG B 322 1.30 11.42 9.74
N ARG B 323 2.63 11.27 9.76
CA ARG B 323 3.42 11.98 10.76
C ARG B 323 3.46 13.47 10.49
N THR B 324 3.61 13.85 9.22
CA THR B 324 3.72 15.27 8.89
C THR B 324 2.45 16.05 9.22
N PRO B 325 1.26 15.65 8.77
CA PRO B 325 0.06 16.42 9.14
C PRO B 325 -0.22 16.41 10.63
N ALA B 326 0.14 15.34 11.34
CA ALA B 326 0.00 15.35 12.79
C ALA B 326 0.88 16.44 13.41
N LYS B 327 2.15 16.51 12.99
CA LYS B 327 3.02 17.56 13.50
C LYS B 327 2.52 18.94 13.09
N MET B 328 1.97 19.06 11.88
CA MET B 328 1.43 20.35 11.44
C MET B 328 0.35 20.85 12.40
N CYS B 329 -0.57 19.98 12.78
CA CYS B 329 -1.69 20.39 13.62
C CYS B 329 -1.24 20.62 15.06
N LEU B 330 -0.25 19.87 15.53
CA LEU B 330 0.31 20.13 16.85
C LEU B 330 1.02 21.49 16.88
N ASN B 331 1.79 21.80 15.83
CA ASN B 331 2.46 23.10 15.79
C ASN B 331 1.46 24.24 15.87
N ARG B 332 0.34 24.14 15.15
CA ARG B 332 -0.68 25.18 15.24
C ARG B 332 -1.35 25.17 16.61
N THR B 333 -1.41 24.01 17.26
CA THR B 333 -2.02 23.95 18.58
C THR B 333 -1.22 24.76 19.57
N THR B 334 0.10 24.61 19.53
CA THR B 334 1.04 25.27 20.43
C THR B 334 1.03 24.58 21.79
N GLN B 335 2.18 24.58 22.46
CA GLN B 335 2.29 23.89 23.74
C GLN B 335 1.33 24.43 24.78
N GLU B 336 1.04 25.74 24.75
CA GLU B 336 0.14 26.32 25.74
C GLU B 336 -1.24 25.67 25.71
N ASN B 337 -1.70 25.22 24.55
CA ASN B 337 -3.08 24.77 24.41
C ASN B 337 -3.21 23.25 24.27
N ILE B 338 -2.12 22.48 24.37
CA ILE B 338 -2.23 21.05 24.18
C ILE B 338 -2.99 20.43 25.35
N SER B 339 -3.91 19.53 25.04
CA SER B 339 -4.77 18.92 26.05
C SER B 339 -5.42 17.68 25.44
N PHE B 340 -6.27 17.03 26.23
CA PHE B 340 -7.05 15.91 25.70
C PHE B 340 -7.89 16.33 24.50
N ALA B 341 -8.52 17.51 24.58
CA ALA B 341 -9.42 17.95 23.52
C ALA B 341 -8.65 18.28 22.25
N THR B 342 -7.57 19.04 22.37
CA THR B 342 -6.78 19.39 21.19
C THR B 342 -6.02 18.18 20.65
N MET B 343 -5.59 17.27 21.53
CA MET B 343 -4.99 16.03 21.06
C MET B 343 -5.99 15.24 20.24
N TYR B 344 -7.21 15.11 20.74
CA TYR B 344 -8.26 14.42 20.00
C TYR B 344 -8.53 15.11 18.67
N ASP B 345 -8.39 16.44 18.61
CA ASP B 345 -8.53 17.15 17.35
C ASP B 345 -7.48 16.68 16.35
N VAL B 346 -6.23 16.54 16.79
CA VAL B 346 -5.17 16.08 15.91
C VAL B 346 -5.50 14.68 15.39
N LEU B 347 -5.88 13.78 16.28
CA LEU B 347 -6.16 12.40 15.92
C LEU B 347 -7.52 12.24 15.23
N SER B 348 -8.26 13.31 15.05
CA SER B 348 -9.48 13.30 14.25
C SER B 348 -9.29 13.93 12.88
N THR B 349 -8.07 14.34 12.55
CA THR B 349 -7.77 15.01 11.29
C THR B 349 -7.23 13.98 10.30
N LYS B 350 -7.84 13.92 9.12
CA LYS B 350 -7.38 13.04 8.07
C LYS B 350 -6.05 13.56 7.53
N PRO B 351 -5.11 12.65 7.22
CA PRO B 351 -5.20 11.19 7.26
C PRO B 351 -4.82 10.54 8.60
N VAL B 352 -4.51 11.33 9.64
CA VAL B 352 -4.24 10.74 10.95
C VAL B 352 -5.41 9.86 11.36
N LEU B 353 -6.63 10.35 11.16
CA LEU B 353 -7.82 9.51 11.17
C LEU B 353 -8.05 9.00 9.75
N ASN B 354 -8.36 7.71 9.62
CA ASN B 354 -8.57 7.12 8.30
C ASN B 354 -9.53 5.94 8.44
N LYS B 355 -9.83 5.32 7.30
CA LYS B 355 -10.92 4.33 7.25
C LYS B 355 -10.62 3.11 8.13
N LEU B 356 -9.37 2.70 8.21
CA LEU B 356 -9.00 1.52 8.98
C LEU B 356 -8.65 1.84 10.42
N THR B 357 -8.91 3.06 10.88
CA THR B 357 -8.67 3.41 12.27
C THR B 357 -9.69 2.70 13.16
N VAL B 358 -9.20 1.90 14.10
CA VAL B 358 -10.09 1.17 15.00
C VAL B 358 -10.46 2.01 16.22
N TYR B 359 -9.47 2.59 16.90
CA TYR B 359 -9.76 3.34 18.11
C TYR B 359 -8.78 4.49 18.27
N THR B 360 -9.19 5.44 19.11
CA THR B 360 -8.33 6.53 19.56
C THR B 360 -8.19 6.41 21.07
N ALA B 361 -6.96 6.49 21.56
CA ALA B 361 -6.68 6.36 22.98
C ALA B 361 -6.03 7.63 23.51
N LEU B 362 -6.47 8.05 24.70
CA LEU B 362 -5.93 9.22 25.37
C LEU B 362 -5.55 8.83 26.78
N ILE B 363 -4.35 9.22 27.20
CA ILE B 363 -3.80 8.81 28.49
C ILE B 363 -3.25 10.03 29.22
N ASP B 364 -3.54 10.10 30.51
CA ASP B 364 -2.92 11.05 31.42
C ASP B 364 -2.32 10.21 32.55
N VAL B 365 -1.02 9.94 32.46
CA VAL B 365 -0.39 8.97 33.36
C VAL B 365 -0.53 9.42 34.81
N THR B 366 -0.13 10.67 35.09
CA THR B 366 -0.11 11.14 36.47
C THR B 366 -1.53 11.19 37.05
N LYS B 367 -2.49 11.67 36.26
CA LYS B 367 -3.87 11.75 36.70
C LYS B 367 -4.58 10.41 36.67
N GLY B 368 -3.97 9.38 36.08
CA GLY B 368 -4.59 8.07 36.00
C GLY B 368 -5.79 7.99 35.08
N GLN B 369 -5.86 8.85 34.08
CA GLN B 369 -6.97 8.86 33.13
C GLN B 369 -6.62 8.03 31.91
N PHE B 370 -7.59 7.25 31.43
CA PHE B 370 -7.39 6.33 30.31
C PHE B 370 -8.70 6.22 29.55
N GLU B 371 -8.77 6.88 28.39
CA GLU B 371 -9.97 6.92 27.57
C GLU B 371 -9.70 6.31 26.20
N THR B 372 -10.62 5.49 25.73
CA THR B 372 -10.50 4.84 24.43
C THR B 372 -11.84 4.93 23.70
N TYR B 373 -11.80 5.30 22.43
CA TYR B 373 -13.00 5.55 21.64
C TYR B 373 -12.88 4.86 20.29
N LEU B 374 -13.92 4.12 19.90
CA LEU B 374 -13.99 3.55 18.56
C LEU B 374 -14.29 4.66 17.55
N ARG B 375 -13.73 4.51 16.34
CA ARG B 375 -13.79 5.57 15.35
C ARG B 375 -14.43 5.06 14.05
N ASP B 376 -14.97 6.02 13.30
CA ASP B 376 -15.33 5.85 11.90
C ASP B 376 -14.74 6.99 11.11
N CYS B 377 -14.62 6.80 9.79
CA CYS B 377 -14.18 7.88 8.90
C CYS B 377 -15.05 7.88 7.65
N PRO B 378 -16.12 8.68 7.64
CA PRO B 378 -17.01 8.68 6.48
C PRO B 378 -16.33 9.32 5.27
N ASP B 379 -16.79 8.89 4.09
CA ASP B 379 -16.24 9.38 2.83
C ASP B 379 -16.41 10.90 2.71
N PRO B 380 -15.44 11.57 2.06
CA PRO B 380 -14.23 10.97 1.47
C PRO B 380 -13.16 10.74 2.52
N CYS B 381 -12.66 9.51 2.63
CA CYS B 381 -11.62 9.21 3.59
C CYS B 381 -10.70 8.15 3.01
N ILE B 382 -9.39 8.42 3.06
CA ILE B 382 -8.40 7.50 2.54
C ILE B 382 -8.26 6.30 3.48
N GLY B 383 -7.83 5.16 2.91
CA GLY B 383 -7.72 3.95 3.72
C GLY B 383 -6.72 4.08 4.84
N TRP B 384 -5.54 4.63 4.54
CA TRP B 384 -4.52 4.83 5.57
C TRP B 384 -3.42 5.75 5.04
C1 NAG C . -17.04 -0.93 0.05
C2 NAG C . -18.15 -1.84 -0.48
C3 NAG C . -19.38 -1.00 -0.81
C4 NAG C . -19.81 -0.20 0.42
C5 NAG C . -18.64 0.61 0.95
C6 NAG C . -18.95 1.30 2.27
C7 NAG C . -17.69 -3.90 -1.73
C8 NAG C . -17.19 -4.49 -3.01
N2 NAG C . -17.70 -2.57 -1.66
O3 NAG C . -20.43 -1.86 -1.22
O4 NAG C . -20.86 0.71 0.07
O5 NAG C . -17.51 -0.24 1.20
O6 NAG C . -19.74 0.46 3.09
O7 NAG C . -18.06 -4.61 -0.80
H1 NAG C . -16.80 -0.29 -0.64
H2 NAG C . -18.39 -2.48 0.21
H3 NAG C . -19.17 -0.39 -1.53
H4 NAG C . -20.13 -0.81 1.11
H5 NAG C . -18.38 1.29 0.29
H61 NAG C . -19.43 2.13 2.08
H62 NAG C . -18.12 1.51 2.72
H81 NAG C . -16.28 -4.20 -3.18
H82 NAG C . -17.76 -4.18 -3.75
H83 NAG C . -17.22 -5.46 -2.96
HN2 NAG C . -17.41 -2.09 -2.38
HO3 NAG C . -21.22 -1.50 -1.01
C1 NAG C . -22.16 0.30 0.57
C2 NAG C . -23.00 1.54 0.76
C3 NAG C . -24.40 1.18 1.25
C4 NAG C . -24.60 -0.33 1.30
C5 NAG C . -24.07 -1.06 0.07
C6 NAG C . -24.98 -0.95 -1.12
C7 NAG C . -21.83 3.64 1.29
C8 NAG C . -21.23 4.48 2.38
N2 NAG C . -22.36 2.48 1.68
O3 NAG C . -25.36 1.78 0.39
O4 NAG C . -23.99 -0.86 2.47
O5 NAG C . -22.79 -0.56 -0.34
O6 NAG C . -25.12 -2.19 -1.79
O7 NAG C . -21.84 4.00 0.12
H1 NAG C . -22.05 -0.16 1.43
H2 NAG C . -23.08 1.99 -0.11
H3 NAG C . -24.51 1.54 2.14
H4 NAG C . -25.56 -0.50 1.36
H5 NAG C . -23.98 -2.01 0.29
H61 NAG C . -24.61 -0.29 -1.75
H62 NAG C . -25.86 -0.64 -0.83
H81 NAG C . -21.91 4.70 3.04
H82 NAG C . -20.87 5.30 1.99
H83 NAG C . -20.51 3.99 2.81
HN2 NAG C . -22.34 2.26 2.57
HO3 NAG C . -26.07 2.02 0.87
HO4 NAG C . -24.47 -1.55 2.78
HO6 NAG C . -25.92 -2.23 -2.18
C1 FUC C . -19.19 0.36 4.42
C2 FUC C . -20.26 -0.34 5.27
C3 FUC C . -20.43 -1.77 4.77
C4 FUC C . -19.11 -2.51 4.94
C5 FUC C . -18.01 -1.79 4.14
C6 FUC C . -16.63 -2.33 4.43
O2 FUC C . -21.50 0.36 5.26
O3 FUC C . -21.41 -2.44 5.55
O4 FUC C . -18.75 -2.56 6.31
O5 FUC C . -17.96 -0.35 4.44
H1 FUC C . -18.96 1.36 4.81
H2 FUC C . -19.91 -0.36 6.30
H3 FUC C . -20.71 -1.76 3.71
H4 FUC C . -19.21 -3.52 4.53
H5 FUC C . -18.26 -1.90 3.08
H61 FUC C . -15.88 -1.79 3.85
H62 FUC C . -16.58 -3.40 4.16
H63 FUC C . -16.39 -2.24 5.49
HO2 FUC C . -21.53 0.83 4.40
HO3 FUC C . -20.96 -2.78 6.34
HO4 FUC C . -18.24 -3.39 6.41
C1 NAG D . 1.29 13.15 -35.87
C2 NAG D . 0.34 13.93 -34.96
C3 NAG D . -0.92 14.32 -35.74
C4 NAG D . -0.50 15.03 -37.02
C5 NAG D . 0.45 14.15 -37.81
C6 NAG D . 1.07 14.82 -39.01
C7 NAG D . -1.08 13.27 -33.05
C8 NAG D . -1.22 12.28 -31.94
N2 NAG D . 0.01 13.11 -33.82
O3 NAG D . -1.76 15.14 -34.96
O4 NAG D . -1.64 15.45 -37.75
O5 NAG D . 1.55 13.85 -36.98
O6 NAG D . 2.48 14.82 -38.85
O7 NAG D . -1.89 14.17 -33.24
H1 NAG D . 0.87 12.30 -36.12
H2 NAG D . 0.79 14.75 -34.67
H3 NAG D . -1.40 13.50 -35.98
H4 NAG D . -0.01 15.84 -36.77
H5 NAG D . 0.00 13.32 -38.09
H61 NAG D . 0.75 15.74 -39.06
H62 NAG D . 0.82 14.34 -39.82
H81 NAG D . -2.03 12.47 -31.44
H82 NAG D . -0.45 12.35 -31.34
H83 NAG D . -1.26 11.38 -32.30
HN2 NAG D . 0.57 12.42 -33.62
HO3 NAG D . -1.28 15.79 -34.58
HO6 NAG D . 2.71 15.40 -38.22
C1 NAG D . -1.83 16.86 -37.44
C2 NAG D . -3.04 17.31 -38.32
C3 NAG D . -3.73 18.63 -37.82
C4 NAG D . -3.65 18.83 -36.33
C5 NAG D . -2.26 18.50 -35.87
C6 NAG D . -2.00 18.76 -34.40
C7 NAG D . -2.59 16.58 -40.62
C8 NAG D . -1.88 16.93 -41.90
N2 NAG D . -2.50 17.49 -39.65
O3 NAG D . -5.10 18.58 -38.19
O4 NAG D . -4.00 20.16 -35.97
O5 NAG D . -2.10 17.10 -36.10
O6 NAG D . -0.93 17.98 -33.89
O7 NAG D . -3.22 15.54 -40.49
H1 NAG D . -1.04 17.35 -37.71
H2 NAG D . -3.71 16.60 -38.34
H3 NAG D . -3.30 19.39 -38.28
H4 NAG D . -4.28 18.22 -35.89
H5 NAG D . -1.61 18.99 -36.41
H61 NAG D . -2.81 18.57 -33.89
H62 NAG D . -1.78 19.71 -34.29
H81 NAG D . -0.92 17.04 -41.72
H82 NAG D . -2.24 17.76 -42.26
H83 NAG D . -2.01 16.21 -42.56
HN2 NAG D . -1.99 18.23 -39.81
HO3 NAG D . -5.45 17.81 -37.91
HO4 NAG D . -3.90 20.28 -35.10
HO6 NAG D . -0.42 17.70 -34.54
C1 NAG E . -13.40 -10.46 -2.18
C2 NAG E . -14.87 -10.34 -1.83
C3 NAG E . -15.48 -11.73 -1.63
C4 NAG E . -15.20 -12.61 -2.84
C5 NAG E . -13.72 -12.58 -3.24
C6 NAG E . -13.47 -13.22 -4.58
C7 NAG E . -15.97 -8.55 -0.57
C8 NAG E . -16.03 -7.81 0.73
N2 NAG E . -15.07 -9.53 -0.63
O3 NAG E . -16.88 -11.60 -1.44
O4 NAG E . -15.52 -13.97 -2.53
O5 NAG E . -13.26 -11.23 -3.36
O6 NAG E . -14.54 -12.96 -5.48
O7 NAG E . -16.72 -8.27 -1.50
H1 NAG E . -12.93 -10.91 -1.45
H2 NAG E . -15.34 -9.92 -2.57
H3 NAG E . -15.08 -12.15 -0.84
H4 NAG E . -15.75 -12.31 -3.59
H5 NAG E . -13.19 -13.04 -2.56
H61 NAG E . -13.39 -14.20 -4.46
H62 NAG E . -12.64 -12.88 -4.96
H81 NAG E . -15.17 -7.39 0.91
H82 NAG E . -16.25 -8.43 1.46
H83 NAG E . -16.73 -7.11 0.68
HN2 NAG E . -14.54 -9.69 0.09
HO3 NAG E . -17.29 -11.61 -2.22
C1 NAG E . -16.92 -14.28 -2.66
C2 NAG E . -17.05 -15.70 -3.22
C3 NAG E . -18.51 -16.09 -3.32
C4 NAG E . -19.18 -15.94 -1.96
C5 NAG E . -18.98 -14.53 -1.42
C6 NAG E . -19.47 -14.37 -0.01
C7 NAG E . -15.22 -16.45 -4.69
C8 NAG E . -14.70 -16.49 -6.09
N2 NAG E . -16.40 -15.82 -4.51
O3 NAG E . -18.63 -17.44 -3.78
O4 NAG E . -20.58 -16.21 -2.07
O5 NAG E . -17.58 -14.21 -1.40
O6 NAG E . -19.87 -13.04 0.27
O7 NAG E . -14.62 -16.97 -3.75
H1 NAG E . -17.34 -13.65 -3.28
H2 NAG E . -16.61 -16.31 -2.60
H3 NAG E . -18.96 -15.50 -3.96
H4 NAG E . -18.79 -16.58 -1.34
H5 NAG E . -19.45 -13.90 -1.99
H61 NAG E . -18.76 -14.62 0.62
H62 NAG E . -20.24 -14.97 0.14
H81 NAG E . -14.57 -15.58 -6.41
H82 NAG E . -15.35 -16.95 -6.66
H83 NAG E . -13.86 -16.97 -6.11
HN2 NAG E . -16.81 -15.47 -5.25
HO3 NAG E . -19.45 -17.73 -3.63
HO4 NAG E . -20.79 -16.89 -1.55
HO6 NAG E . -20.11 -12.96 1.13
C1 FUC E . -14.02 -12.67 -6.80
C2 FUC E . -15.24 -12.53 -7.76
C3 FUC E . -16.06 -11.27 -7.44
C4 FUC E . -15.15 -10.02 -7.37
C5 FUC E . -13.97 -10.29 -6.43
C6 FUC E . -12.94 -9.17 -6.41
O2 FUC E . -16.07 -13.69 -7.72
O3 FUC E . -17.03 -11.04 -8.45
O4 FUC E . -14.67 -9.72 -8.67
O5 FUC E . -13.26 -11.49 -6.79
H1 FUC E . -13.35 -13.47 -7.13
H2 FUC E . -14.86 -12.44 -8.77
H3 FUC E . -16.55 -11.40 -6.46
H4 FUC E . -15.73 -9.18 -6.96
H5 FUC E . -14.39 -10.42 -5.42
H61 FUC E . -12.12 -9.42 -5.74
H62 FUC E . -13.41 -8.24 -6.10
H63 FUC E . -12.53 -9.04 -7.42
HO2 FUC E . -16.55 -13.64 -6.89
HO3 FUC E . -17.85 -11.44 -8.12
HO4 FUC E . -15.27 -9.02 -9.00
I3 I3C F . -21.07 -15.87 -6.58
I2 I3C F . -24.02 -12.87 -2.27
I1 I3C F . -18.86 -10.61 -4.52
O8 I3C F . -18.95 -12.51 -7.24
O9 I3C F . -18.16 -14.20 -6.11
C10 I3C F . -21.54 -10.82 -2.67
N13 I3C F . -23.29 -15.14 -4.40
C1 I3C F . -20.23 -13.21 -5.32
C6 I3C F . -21.20 -14.20 -5.30
C5 I3C F . -22.27 -14.10 -4.43
C4 I3C F . -22.38 -13.01 -3.59
C3 I3C F . -21.42 -12.02 -3.61
C2 I3C F . -20.34 -12.12 -4.48
C7 I3C F . -19.05 -13.31 -6.28
O11 I3C F . -21.03 -10.87 -1.52
O12 I3C F . -22.16 -9.79 -3.04
HN13 I3C F . -23.11 -15.90 -4.06
HN1A I3C F . -24.07 -14.99 -4.75
I3 I3C G . 8.28 -14.38 -31.18
I3 I3C G . 9.48 -19.22 -28.02
I3 I3C G . 14.98 -10.85 -35.53
I2 I3C G . 10.91 -16.82 -35.99
I2 I3C G . 4.57 -17.77 -31.31
I2 I3C G . 12.51 -15.43 -38.54
I1 I3C G . 12.47 -18.66 -30.36
I1 I3C G . 9.25 -14.02 -31.04
I1 I3C G . 14.04 -16.08 -32.68
O8 I3C G . 9.56 -17.29 -29.00
O8 I3C G . 11.44 -16.78 -29.76
O8 I3C G . 14.42 -12.03 -32.61
O9 I3C G . 10.97 -15.63 -28.98
O9 I3C G . 10.56 -15.49 -28.25
O9 I3C G . 15.96 -13.56 -32.59
C10 I3C G . 12.50 -18.51 -33.71
C10 I3C G . 6.30 -15.23 -31.86
C10 I3C G . 12.86 -16.89 -35.66
N13 I3C G . 9.02 -15.01 -34.20
N13 I3C G . 6.55 -19.49 -29.36
N13 I3C G . 13.69 -12.54 -37.92
C1 I3C G . 10.44 -16.56 -31.14
C1 I3C G . 9.02 -16.70 -29.67
C1 I3C G . 14.37 -13.63 -34.42
C6 I3C G . 9.68 -15.75 -31.97
C6 I3C G . 8.44 -17.90 -29.29
C6 I3C G . 14.30 -12.84 -35.56
C5 I3C G . 9.82 -15.84 -33.34
C5 I3C G . 7.17 -18.23 -29.75
C5 I3C G . 13.77 -13.36 -36.73
C4 I3C G . 10.73 -16.72 -33.89
C4 I3C G . 6.50 -17.36 -30.57
C4 I3C G . 13.31 -14.66 -36.75
C3 I3C G . 11.50 -17.54 -33.07
C3 I3C G . 7.08 -16.16 -30.94
C3 I3C G . 13.38 -15.45 -35.62
C2 I3C G . 11.35 -17.45 -31.70
C2 I3C G . 8.34 -15.83 -30.49
C2 I3C G . 13.91 -14.93 -34.45
C7 I3C G . 10.31 -16.49 -29.62
C7 I3C G . 10.42 -16.30 -29.19
C7 I3C G . 14.95 -13.04 -33.13
O11 I3C G . 13.73 -18.41 -33.44
O11 I3C G . 5.26 -14.68 -31.44
O11 I3C G . 13.67 -17.86 -35.63
O12 I3C G . 12.10 -19.40 -34.51
O12 I3C G . 6.70 -15.02 -33.04
O12 I3C G . 11.62 -17.10 -35.71
HN13 I3C G . 8.21 -14.81 -33.97
HN13 I3C G . 6.99 -20.06 -28.90
HN13 I3C G . 14.33 -11.99 -38.12
HN1A I3C G . 9.34 -14.72 -34.94
HN1A I3C G . 5.74 -19.65 -29.59
HN1A I3C G . 12.99 -12.58 -38.43
I3 I3C H . -3.28 -22.42 -30.77
I2 I3C H . -2.68 -17.91 -26.91
I1 I3C H . 2.17 -19.92 -29.99
O8 I3C H . -0.18 -21.66 -32.39
O9 I3C H . 0.47 -22.97 -30.77
C10 I3C H . 0.48 -18.09 -27.94
N13 I3C H . -4.01 -20.22 -28.61
C1 I3C H . -0.68 -20.95 -30.14
C6 I3C H . -2.04 -21.01 -29.84
C5 I3C H . -2.59 -20.14 -28.92
C4 I3C H . -1.78 -19.20 -28.30
C3 I3C H . -0.43 -19.13 -28.60
C2 I3C H . 0.11 -20.00 -29.52
C7 I3C H . -0.09 -21.92 -31.16
O11 I3C H . 1.14 -18.33 -26.90
O12 I3C H . 0.58 -16.95 -28.47
HN13 I3C H . -4.28 -20.75 -28.00
HN1A I3C H . -4.57 -19.73 -29.04
I3 I3C I . -24.35 8.84 -31.15
I2 I3C I . -18.70 9.56 -33.08
I1 I3C I . -23.05 8.25 -37.07
O8 I3C I . -25.24 7.11 -34.45
O9 I3C I . -25.66 9.24 -34.57
C10 I3C I . -20.11 8.92 -35.95
N13 I3C I . -21.25 9.39 -31.12
C1 I3C I . -23.39 8.61 -34.07
C6 I3C I . -22.99 8.86 -32.76
C5 I3C I . -21.66 9.13 -32.48
C4 I3C I . -20.74 9.15 -33.51
C3 I3C I . -21.12 8.90 -34.81
C2 I3C I . -22.46 8.63 -35.09
C7 I3C I . -24.85 8.30 -34.38
O11 I3C I . -19.94 9.98 -36.61
O12 I3C I . -19.45 7.89 -36.23
HN13 I3C I . -20.43 9.28 -30.89
HN1A I3C I . -21.83 9.66 -30.54
I3 I3C J . 1.76 9.24 -48.98
I2 I3C J . -1.42 5.76 -52.83
I1 I3C J . -2.31 5.36 -46.88
O8 I3C J . -0.92 8.21 -46.18
O9 I3C J . 1.09 7.41 -46.37
C10 I3C J . -2.67 4.75 -50.05
N13 I3C J . 0.71 7.96 -51.77
C1 I3C J . -0.36 7.19 -48.29
C6 I3C J . 0.31 7.76 -49.35
C5 I3C J . 0.01 7.36 -50.65
C4 I3C J . -0.94 6.39 -50.87
C3 I3C J . -1.61 5.82 -49.80
C2 I3C J . -1.32 6.21 -48.52
C7 I3C J . -0.04 7.63 -46.87
O11 I3C J . -2.34 3.53 -50.12
O12 I3C J . -3.89 5.07 -50.19
HN13 I3C J . 1.50 7.69 -52.00
HN1A I3C J . 0.34 8.59 -52.23
I3 I3C K . -24.93 -1.70 -27.44
I2 I3C K . -25.22 0.17 -33.23
I1 I3C K . -23.71 4.03 -28.91
O8 I3C K . -25.04 1.47 -26.22
O9 I3C K . -22.93 1.70 -26.70
C10 I3C K . -24.37 2.88 -31.87
N13 I3C K . -25.36 -1.83 -30.59
C1 I3C K . -24.37 1.10 -28.53
C6 I3C K . -24.74 -0.19 -28.89
C5 I3C K . -24.99 -0.48 -30.23
C4 I3C K . -24.87 0.51 -31.18
C3 I3C K . -24.51 1.79 -30.81
C2 I3C K . -24.25 2.08 -29.49
C7 I3C K . -24.10 1.44 -27.06
O11 I3C K . -23.24 3.14 -32.36
O12 I3C K . -25.39 3.50 -32.28
HN13 I3C K . -26.19 -2.04 -30.70
HN1A I3C K . -24.76 -2.43 -30.70
I3 I3C L . 4.07 11.51 -20.77
I2 I3C L . -1.78 12.14 -22.37
I1 I3C L . -0.04 12.50 -16.57
O8 I3C L . 3.05 11.00 -17.17
O9 I3C L . 3.69 12.92 -17.93
C10 I3C L . -2.04 12.51 -19.22
N13 I3C L . 1.37 11.68 -22.68
C1 I3C L . 1.73 12.00 -18.98
C6 I3C L . 2.04 11.83 -20.31
C5 I3C L . 1.05 11.86 -21.28
C4 I3C L . -0.26 12.08 -20.92
C3 I3C L . -0.59 12.27 -19.58
C2 I3C L . 0.41 12.23 -18.61
C7 I3C L . 2.87 11.96 -17.97
O11 I3C L . -2.55 13.65 -19.37
O12 I3C L . -2.74 11.56 -18.77
HN13 I3C L . 1.81 10.98 -22.93
HN1A I3C L . 1.12 12.26 -23.25
I IOD M . 10.91 19.19 -11.97
I IOD N . 18.87 -10.38 -7.98
I IOD O . 7.06 -22.78 -26.62
I IOD P . -11.68 8.06 -44.79
I IOD Q . 17.87 -4.31 -13.94
I IOD R . -14.71 3.61 -5.61
I IOD S . 9.14 -3.12 -7.51
I IOD T . 12.92 17.72 -28.91
I IOD U . -8.34 -15.63 -30.25
I IOD V . 13.57 -12.94 -4.45
I IOD W . -24.98 -18.82 -4.33
I IOD X . 4.49 -18.53 -8.84
I IOD Y . -9.10 18.13 -35.37
I IOD Z . 15.26 -22.04 -19.49
I IOD AA . 6.12 -22.18 -8.66
I IOD BA . 16.59 18.39 -30.92
I IOD CA . 12.13 20.42 -26.08
I IOD DA . -3.37 12.14 -38.96
I3 I3C EA . -9.35 19.61 28.11
I2 I3C EA . -12.81 15.25 30.44
I1 I3C EA . -6.86 15.21 31.43
O8 I3C EA . -6.79 18.99 30.20
O9 I3C EA . -6.19 17.35 28.89
C10 I3C EA . -9.96 14.26 31.56
N13 I3C EA . -11.97 17.89 28.82
C1 I3C EA . -8.43 17.27 29.81
C6 I3C EA . -9.54 17.84 29.25
C5 I3C EA . -10.80 17.28 29.42
C4 I3C EA . -10.92 16.13 30.16
C3 I3C EA . -9.81 15.54 30.73
C2 I3C EA . -8.56 16.10 30.56
C7 I3C EA . -7.05 17.91 29.62
O11 I3C EA . -9.90 14.32 32.82
O12 I3C EA . -10.14 13.16 31.00
HN13 I3C EA . -11.89 18.35 28.09
HN1A I3C EA . -12.74 17.79 29.18
I3 I3C FA . -1.20 15.56 36.51
I2 I3C FA . -6.59 17.00 38.77
I1 I3C FA . -4.97 18.88 33.21
O8 I3C FA . -1.95 16.22 33.42
O9 I3C FA . -1.88 18.40 33.61
C10 I3C FA . -6.85 18.49 35.88
N13 I3C FA . -3.67 15.75 38.54
C1 I3C FA . -3.36 17.21 35.13
C6 I3C FA . -3.06 16.53 36.29
C5 I3C FA . -3.98 16.47 37.32
C4 I3C FA . -5.20 17.10 37.19
C3 I3C FA . -5.51 17.79 36.03
C2 I3C FA . -4.58 17.85 35.00
C7 I3C FA . -2.34 17.28 33.99
O11 I3C FA . -6.90 19.74 35.74
O12 I3C FA . -7.92 17.82 35.89
HN13 I3C FA . -2.85 15.53 38.71
HN1A I3C FA . -4.29 15.53 39.09
I IOD GA . -8.35 -8.71 48.85
I IOD HA . -9.34 -12.69 3.62
I IOD IA . -21.71 -3.89 1.73
I IOD JA . 8.73 14.23 16.39
I IOD KA . 19.41 -7.64 13.85
I IOD LA . 3.56 8.07 8.52
I IOD MA . 17.19 -4.83 32.47
I IOD NA . -8.19 -17.86 42.99
I IOD OA . -10.67 -15.17 42.71
I IOD PA . -14.78 -23.48 33.33
I IOD QA . -3.33 -22.67 5.89
I IOD RA . -10.31 16.41 8.37
I IOD SA . 3.91 -12.10 33.37
I IOD TA . -13.77 21.38 12.24
I IOD UA . 5.43 20.76 10.09
I IOD VA . 5.73 -10.25 17.07
#